data_1ZGR
#
_entry.id   1ZGR
#
_cell.length_a   63.597
_cell.length_b   68.511
_cell.length_c   208.531
_cell.angle_alpha   90.00
_cell.angle_beta   90.00
_cell.angle_gamma   90.00
#
_symmetry.space_group_name_H-M   'P 21 21 21'
#
loop_
_entity.id
_entity.type
_entity.pdbx_description
1 polymer 'Mannose/glucose-specific lectin'
2 water water
#
_entity_poly.entity_id   1
_entity_poly.type   'polypeptide(L)'
_entity_poly.pdbx_seq_one_letter_code
;SLKGMISVGPWGGSGGNYWSFKANHAITEIVIHVKDNIKSISFKDASGDISGTFGGKDPRENEKGDEKKIKIHWPTEYLK
SISGSYGDYNGVLVIRSLSFITNLTTYGPFGSTSGGESFSIPIADSVVVGFHGRAGYYLDALGIFVQPVPHGTISFGPWG
GPAGDDAFNFKVGSWIKDIIIYADAAINSIAFKDANGHCYGKFGGQDPNDIGVEKKVEIDGNLEHLKSISGTYGNYKGFE
VVTSLSFITNVTKHGPFGIASGTSFSIPIEGSLVTGFHGKSGYYLDSIGIYVKPRDVEGSISIGPWGGSGGDPWSYTANE
GINQIIIYAGSNIKSVAFKDTSGLDSATFGGVNPKDTGEKNTVSINWPSEYLTSISGTYGQYKFKDVFTTITSLSFTTNL
ATYGPFGKASATSFSIPIHNNMVVGFHGRAGDYLDAIGIFVKPDTAV
;
_entity_poly.pdbx_strand_id   A,B
#
# COMPACT_ATOMS: atom_id res chain seq x y z
N GLY A 4 4.97 4.49 3.86
CA GLY A 4 6.12 4.16 4.76
C GLY A 4 6.69 5.47 5.32
N MET A 5 6.25 5.88 6.49
CA MET A 5 6.65 7.20 7.02
C MET A 5 6.68 7.17 8.54
N ILE A 6 7.42 8.10 9.15
CA ILE A 6 7.52 8.10 10.57
C ILE A 6 6.71 9.25 11.11
N SER A 7 5.93 8.99 12.15
CA SER A 7 5.20 10.04 12.84
C SER A 7 6.08 10.67 13.93
N VAL A 8 6.18 12.01 13.91
CA VAL A 8 6.85 12.77 14.99
C VAL A 8 5.88 13.72 15.71
N GLY A 9 5.93 13.71 17.03
CA GLY A 9 5.05 14.60 17.80
C GLY A 9 3.76 13.88 18.13
N PRO A 10 2.65 14.61 18.27
CA PRO A 10 2.60 16.05 18.03
C PRO A 10 3.00 16.85 19.30
N TRP A 11 3.15 18.16 19.19
CA TRP A 11 3.43 18.94 20.39
C TRP A 11 2.24 19.81 20.55
N GLY A 12 1.85 20.03 21.80
CA GLY A 12 0.75 20.92 22.13
C GLY A 12 -0.18 20.27 23.13
N GLY A 13 -1.41 20.75 23.19
CA GLY A 13 -2.40 20.25 24.14
C GLY A 13 -2.98 18.89 23.76
N SER A 14 -3.78 18.33 24.67
CA SER A 14 -4.41 17.02 24.49
C SER A 14 -5.86 17.15 24.01
N GLY A 15 -6.36 18.37 23.90
CA GLY A 15 -7.73 18.59 23.46
C GLY A 15 -7.94 18.37 21.96
N GLY A 16 -9.15 18.71 21.50
CA GLY A 16 -9.57 18.56 20.13
C GLY A 16 -9.46 17.12 19.61
N ASN A 17 -9.65 17.01 18.28
CA ASN A 17 -9.74 15.72 17.63
C ASN A 17 -8.53 15.52 16.74
N TYR A 18 -8.10 14.27 16.61
CA TYR A 18 -6.99 13.94 15.74
C TYR A 18 -7.34 14.23 14.26
N TRP A 19 -6.35 14.78 13.56
CA TRP A 19 -6.40 14.89 12.11
C TRP A 19 -5.07 14.48 11.53
N SER A 20 -5.08 14.05 10.27
CA SER A 20 -3.82 13.98 9.51
C SER A 20 -3.98 14.36 8.01
N PHE A 21 -2.85 14.77 7.46
CA PHE A 21 -2.76 15.11 6.06
C PHE A 21 -1.43 14.60 5.54
N LYS A 22 -1.49 13.50 4.79
CA LYS A 22 -0.35 12.90 4.13
C LYS A 22 -0.42 13.33 2.69
N ALA A 23 0.47 14.25 2.31
CA ALA A 23 0.51 14.81 0.96
C ALA A 23 0.82 13.78 -0.12
N ASN A 24 0.05 13.79 -1.22
CA ASN A 24 0.36 12.92 -2.35
C ASN A 24 1.60 13.38 -3.09
N HIS A 25 1.77 14.70 -3.18
CA HIS A 25 3.00 15.26 -3.76
C HIS A 25 3.60 16.15 -2.68
N ALA A 26 4.85 16.55 -2.86
CA ALA A 26 5.50 17.46 -1.93
C ALA A 26 4.60 18.58 -1.40
N ILE A 27 4.84 18.98 -0.15
CA ILE A 27 4.17 20.13 0.44
C ILE A 27 4.85 21.39 -0.06
N THR A 28 4.05 22.27 -0.69
CA THR A 28 4.59 23.52 -1.29
C THR A 28 4.04 24.78 -0.65
N GLU A 29 2.95 24.64 0.09
CA GLU A 29 2.38 25.78 0.76
C GLU A 29 1.85 25.43 2.13
N ILE A 30 2.05 26.32 3.08
CA ILE A 30 1.34 26.27 4.36
C ILE A 30 0.61 27.62 4.59
N VAL A 31 -0.65 27.54 5.01
CA VAL A 31 -1.48 28.70 5.28
C VAL A 31 -1.86 28.64 6.75
N ILE A 32 -1.38 29.59 7.53
CA ILE A 32 -1.82 29.73 8.92
C ILE A 32 -2.62 31.00 9.10
N HIS A 33 -3.56 30.98 10.01
CA HIS A 33 -4.18 32.20 10.48
C HIS A 33 -3.64 32.48 11.88
N VAL A 34 -2.99 33.67 12.06
CA VAL A 34 -2.40 34.00 13.36
C VAL A 34 -3.00 35.30 13.90
N LYS A 35 -3.07 35.34 15.26
CA LYS A 35 -3.36 36.57 15.97
C LYS A 35 -2.45 36.60 17.20
N ASP A 36 -2.75 35.73 18.15
CA ASP A 36 -1.93 35.62 19.34
C ASP A 36 -1.37 34.20 19.39
N ASN A 37 -2.26 33.22 19.26
CA ASN A 37 -1.92 31.82 19.04
C ASN A 37 -2.05 31.52 17.53
N ILE A 38 -1.87 30.26 17.14
CA ILE A 38 -2.14 29.84 15.76
C ILE A 38 -3.60 29.44 15.69
N LYS A 39 -4.40 30.12 14.89
CA LYS A 39 -5.84 29.80 14.87
C LYS A 39 -6.15 28.55 14.08
N SER A 40 -5.44 28.36 12.96
CA SER A 40 -5.79 27.29 12.03
C SER A 40 -4.64 27.08 11.09
N ILE A 41 -4.61 25.92 10.46
CA ILE A 41 -3.56 25.62 9.52
C ILE A 41 -4.17 24.84 8.36
N SER A 42 -3.59 24.99 7.18
CA SER A 42 -3.95 24.16 6.03
C SER A 42 -2.73 24.03 5.11
N PHE A 43 -2.82 23.14 4.14
CA PHE A 43 -1.67 22.86 3.28
C PHE A 43 -2.06 22.67 1.82
N LYS A 44 -1.02 22.62 1.00
CA LYS A 44 -1.16 22.47 -0.42
C LYS A 44 0.06 21.74 -0.90
N ASP A 45 -0.14 20.76 -1.79
CA ASP A 45 0.96 20.09 -2.44
C ASP A 45 1.29 20.60 -3.86
N ALA A 46 2.38 20.06 -4.41
CA ALA A 46 2.92 20.53 -5.68
C ALA A 46 1.92 20.36 -6.82
N SER A 47 0.97 19.45 -6.66
CA SER A 47 -0.03 19.26 -7.70
C SER A 47 -1.18 20.28 -7.63
N GLY A 48 -1.22 21.12 -6.60
CA GLY A 48 -2.36 22.00 -6.37
C GLY A 48 -3.45 21.48 -5.43
N ASP A 49 -3.32 20.26 -4.90
CA ASP A 49 -4.24 19.69 -3.89
C ASP A 49 -4.09 20.39 -2.53
N ILE A 50 -5.21 20.58 -1.83
CA ILE A 50 -5.23 21.23 -0.54
C ILE A 50 -5.69 20.25 0.52
N SER A 51 -5.38 20.53 1.79
CA SER A 51 -5.69 19.65 2.90
C SER A 51 -7.04 19.93 3.56
N GLY A 52 -7.63 21.08 3.31
CA GLY A 52 -8.71 21.48 4.25
C GLY A 52 -8.10 22.06 5.52
N THR A 53 -8.91 22.84 6.24
CA THR A 53 -8.44 23.68 7.33
C THR A 53 -8.64 23.00 8.66
N PHE A 54 -7.58 22.98 9.46
CA PHE A 54 -7.67 22.37 10.77
C PHE A 54 -7.64 23.50 11.81
N GLY A 55 -8.65 23.50 12.67
CA GLY A 55 -8.88 24.58 13.63
C GLY A 55 -9.56 25.76 12.96
N GLY A 56 -9.68 26.86 13.72
CA GLY A 56 -10.38 28.06 13.26
C GLY A 56 -11.89 27.98 13.34
N LYS A 57 -12.42 27.35 14.38
CA LYS A 57 -13.84 26.93 14.37
C LYS A 57 -14.88 27.69 15.19
N ASP A 58 -14.54 28.76 15.92
CA ASP A 58 -15.52 29.45 16.80
C ASP A 58 -16.74 30.01 16.05
N PRO A 59 -16.85 30.28 16.80
CA PRO A 59 -18.02 30.99 16.26
C PRO A 59 -17.80 32.48 16.37
N ARG A 60 -16.73 32.86 17.07
CA ARG A 60 -16.34 34.24 17.29
C ARG A 60 -15.73 34.78 16.02
N GLU A 61 -16.12 35.97 15.65
CA GLU A 61 -15.57 36.53 14.45
C GLU A 61 -14.99 37.84 14.75
N ASN A 62 -13.80 37.74 14.94
CA ASN A 62 -12.87 38.71 15.31
C ASN A 62 -11.86 37.71 15.67
N GLU A 63 -11.28 37.71 16.83
CA GLU A 63 -10.33 36.63 16.88
C GLU A 63 -9.79 36.44 15.45
N LYS A 64 -10.48 35.57 14.67
CA LYS A 64 -10.26 35.36 13.22
C LYS A 64 -8.82 35.13 12.70
N GLY A 65 -7.88 36.02 13.02
CA GLY A 65 -6.46 35.90 12.63
C GLY A 65 -6.10 36.32 11.21
N ASP A 66 -4.89 36.85 11.06
CA ASP A 66 -4.35 37.29 9.76
C ASP A 66 -3.74 36.12 9.01
N GLU A 67 -3.96 36.09 7.69
CA GLU A 67 -3.54 34.99 6.87
C GLU A 67 -2.08 35.12 6.52
N LYS A 68 -1.32 34.10 6.87
CA LYS A 68 0.08 34.02 6.49
C LYS A 68 0.28 32.81 5.62
N LYS A 69 0.82 33.02 4.42
CA LYS A 69 1.12 31.93 3.51
C LYS A 69 2.61 31.69 3.46
N ILE A 70 3.02 30.45 3.56
CA ILE A 70 4.43 30.11 3.51
C ILE A 70 4.73 29.20 2.32
N LYS A 71 5.56 29.68 1.45
CA LYS A 71 5.92 28.97 0.24
C LYS A 71 7.19 28.09 0.38
N ILE A 72 7.09 26.85 -0.11
CA ILE A 72 8.21 25.93 -0.17
C ILE A 72 8.53 25.74 -1.65
N HIS A 73 9.75 26.10 -2.04
CA HIS A 73 10.18 26.08 -3.46
C HIS A 73 10.64 24.71 -3.96
N TRP A 74 9.74 23.74 -3.92
CA TRP A 74 9.98 22.40 -4.44
C TRP A 74 10.28 22.46 -5.96
N PRO A 75 11.19 21.64 -6.48
CA PRO A 75 12.01 20.67 -5.73
C PRO A 75 13.30 21.14 -5.09
N THR A 76 13.79 22.34 -5.39
CA THR A 76 15.11 22.76 -4.83
C THR A 76 15.07 23.00 -3.32
N GLU A 77 13.93 23.41 -2.82
CA GLU A 77 13.73 23.56 -1.42
C GLU A 77 12.71 22.52 -0.95
N TYR A 78 12.92 21.93 0.22
CA TYR A 78 11.89 21.01 0.73
C TYR A 78 11.76 21.23 2.23
N LEU A 79 10.56 20.97 2.77
CA LEU A 79 10.35 21.08 4.21
C LEU A 79 11.08 19.92 4.89
N LYS A 80 11.83 20.21 5.94
CA LYS A 80 12.59 19.15 6.59
C LYS A 80 12.23 18.99 8.08
N SER A 81 11.63 20.03 8.66
CA SER A 81 11.29 20.04 10.08
C SER A 81 10.49 21.26 10.48
N ILE A 82 10.03 21.30 11.74
CA ILE A 82 9.31 22.45 12.32
C ILE A 82 9.84 22.74 13.73
N SER A 83 9.52 23.93 14.24
CA SER A 83 9.69 24.25 15.66
C SER A 83 8.53 25.14 16.02
N GLY A 84 8.46 25.53 17.28
CA GLY A 84 7.39 26.42 17.73
C GLY A 84 7.21 26.28 19.24
N SER A 85 6.03 26.67 19.71
CA SER A 85 5.72 26.68 21.13
C SER A 85 4.23 26.48 21.39
N TYR A 86 3.92 25.99 22.60
CA TYR A 86 2.54 25.82 23.07
C TYR A 86 2.32 26.39 24.49
N GLY A 87 1.06 26.67 24.83
CA GLY A 87 0.70 27.34 26.06
C GLY A 87 -0.76 27.79 26.02
N ASP A 88 -1.23 28.39 27.12
CA ASP A 88 -2.66 28.58 27.35
C ASP A 88 -3.40 29.50 26.39
N TYR A 89 -4.63 29.16 26.07
CA TYR A 89 -5.51 30.12 25.42
C TYR A 89 -6.95 29.83 25.86
N ASN A 90 -7.59 30.79 26.53
CA ASN A 90 -8.94 30.54 27.08
C ASN A 90 -9.00 29.33 27.99
N GLY A 91 -7.88 29.02 28.66
CA GLY A 91 -7.80 27.86 29.53
C GLY A 91 -7.34 26.56 28.88
N VAL A 92 -7.30 26.52 27.55
CA VAL A 92 -6.93 25.33 26.77
C VAL A 92 -5.47 25.41 26.26
N LEU A 93 -4.70 24.34 26.51
CA LEU A 93 -3.32 24.20 25.99
C LEU A 93 -3.31 24.01 24.45
N VAL A 94 -2.80 25.01 23.72
CA VAL A 94 -2.81 25.07 22.24
C VAL A 94 -1.47 25.50 21.60
N ILE A 95 -1.37 25.47 20.26
CA ILE A 95 -0.15 25.94 19.60
C ILE A 95 -0.11 27.47 19.61
N ARG A 96 1.02 28.04 20.01
CA ARG A 96 1.11 29.50 20.04
C ARG A 96 1.94 30.10 18.92
N SER A 97 2.98 29.39 18.51
CA SER A 97 3.88 29.88 17.48
C SER A 97 4.44 28.69 16.75
N LEU A 98 4.74 28.89 15.46
CA LEU A 98 5.27 27.88 14.56
C LEU A 98 6.34 28.46 13.67
N SER A 99 7.38 27.64 13.42
CA SER A 99 8.38 27.94 12.40
C SER A 99 8.56 26.71 11.53
N PHE A 100 8.83 26.94 10.25
CA PHE A 100 8.92 25.85 9.28
C PHE A 100 10.32 25.81 8.73
N ILE A 101 10.97 24.65 8.77
CA ILE A 101 12.39 24.60 8.50
C ILE A 101 12.64 23.87 7.22
N THR A 102 13.38 24.49 6.28
CA THR A 102 13.66 23.80 5.04
C THR A 102 15.14 23.43 4.94
N ASN A 103 15.55 22.80 3.85
CA ASN A 103 17.00 22.63 3.57
C ASN A 103 17.72 23.97 3.28
N LEU A 104 16.97 25.07 3.19
CA LEU A 104 17.62 26.31 2.83
C LEU A 104 17.50 27.44 3.85
N THR A 105 16.39 27.54 4.55
CA THR A 105 16.18 28.64 5.50
C THR A 105 15.08 28.22 6.43
N THR A 106 14.70 29.10 7.34
CA THR A 106 13.66 28.87 8.31
C THR A 106 12.63 29.97 8.11
N TYR A 107 11.33 29.61 8.11
CA TYR A 107 10.27 30.59 8.01
C TYR A 107 9.58 30.72 9.34
N GLY A 108 9.54 31.93 9.87
CA GLY A 108 8.92 32.22 11.15
C GLY A 108 9.91 32.82 12.13
N PRO A 109 9.58 32.86 13.43
CA PRO A 109 8.38 32.23 13.99
C PRO A 109 7.15 33.02 13.62
N PHE A 110 5.99 32.35 13.58
CA PHE A 110 4.70 32.97 13.33
C PHE A 110 3.90 32.77 14.61
N GLY A 111 3.18 33.82 15.05
CA GLY A 111 2.43 33.69 16.27
C GLY A 111 3.22 34.41 17.36
N SER A 112 2.92 34.11 18.66
CA SER A 112 3.63 34.78 19.77
C SER A 112 4.87 33.99 20.30
N THR A 113 5.98 34.68 20.52
CA THR A 113 7.21 34.02 20.98
C THR A 113 7.29 33.95 22.52
N SER A 114 6.46 34.67 23.28
CA SER A 114 6.56 34.71 24.75
C SER A 114 5.48 33.97 25.57
N GLY A 115 5.92 33.40 26.70
CA GLY A 115 4.98 32.77 27.65
C GLY A 115 4.46 31.44 27.16
N GLY A 116 5.39 30.53 27.00
CA GLY A 116 5.03 29.19 26.52
C GLY A 116 6.11 28.14 26.66
N GLU A 117 5.68 26.90 26.46
CA GLU A 117 6.66 25.84 26.43
C GLU A 117 7.02 25.62 24.96
N SER A 118 8.26 25.90 24.61
CA SER A 118 8.70 25.73 23.24
C SER A 118 9.16 24.29 22.94
N PHE A 119 9.16 23.91 21.67
CA PHE A 119 9.64 22.59 21.26
C PHE A 119 10.47 22.73 20.00
N SER A 120 11.41 21.81 19.87
CA SER A 120 12.20 21.69 18.67
C SER A 120 12.54 20.20 18.47
N ILE A 121 13.09 19.86 17.31
CA ILE A 121 13.33 18.45 16.98
C ILE A 121 14.76 18.25 16.53
N PRO A 122 15.50 17.39 17.23
CA PRO A 122 16.91 17.16 16.87
C PRO A 122 16.99 16.14 15.74
N ILE A 123 16.36 16.46 14.62
CA ILE A 123 16.25 15.54 13.48
C ILE A 123 17.21 15.89 12.33
N ALA A 124 17.61 14.90 11.55
CA ALA A 124 18.36 15.19 10.32
C ALA A 124 18.02 14.17 9.24
N ASP A 125 18.30 14.53 8.00
CA ASP A 125 18.10 13.65 6.84
C ASP A 125 16.64 13.34 6.60
N SER A 126 15.75 14.22 7.04
CA SER A 126 14.32 14.01 6.85
C SER A 126 13.67 14.97 5.83
N VAL A 127 12.56 14.54 5.24
CA VAL A 127 11.66 15.39 4.48
C VAL A 127 10.28 15.27 5.16
N VAL A 128 9.59 16.39 5.30
CA VAL A 128 8.22 16.41 5.80
C VAL A 128 7.25 16.16 4.66
N VAL A 129 6.48 15.07 4.77
CA VAL A 129 5.64 14.61 3.68
C VAL A 129 4.19 14.73 4.09
N GLY A 130 3.98 15.24 5.31
CA GLY A 130 2.63 15.44 5.84
C GLY A 130 2.64 16.01 7.24
N PHE A 131 1.47 16.34 7.74
CA PHE A 131 1.33 16.79 9.12
C PHE A 131 0.28 15.97 9.82
N HIS A 132 0.30 16.09 11.14
CA HIS A 132 -0.80 15.63 11.96
C HIS A 132 -0.94 16.54 13.17
N GLY A 133 -2.04 16.41 13.89
CA GLY A 133 -2.20 17.20 15.07
C GLY A 133 -3.53 16.95 15.72
N ARG A 134 -3.92 17.92 16.54
CA ARG A 134 -5.26 17.95 17.10
C ARG A 134 -5.88 19.29 16.84
N ALA A 135 -7.17 19.33 16.55
CA ALA A 135 -7.85 20.60 16.36
C ALA A 135 -9.27 20.52 16.83
N GLY A 136 -9.84 21.67 17.15
CA GLY A 136 -11.27 21.84 17.48
C GLY A 136 -11.50 23.30 17.11
N TYR A 137 -11.78 24.13 18.11
CA TYR A 137 -11.78 25.59 17.94
C TYR A 137 -10.42 26.12 17.57
N TYR A 138 -9.37 25.48 18.05
CA TYR A 138 -7.99 25.90 17.77
C TYR A 138 -7.16 24.75 17.24
N LEU A 139 -5.91 25.06 16.90
CA LEU A 139 -4.91 24.04 16.69
C LEU A 139 -4.31 23.67 18.04
N ASP A 140 -4.82 22.62 18.67
CA ASP A 140 -4.30 22.20 19.98
C ASP A 140 -2.90 21.68 19.90
N ALA A 141 -2.60 20.92 18.84
CA ALA A 141 -1.31 20.22 18.74
C ALA A 141 -0.93 20.02 17.28
N LEU A 142 0.38 19.97 16.99
CA LEU A 142 0.89 19.74 15.62
C LEU A 142 2.13 18.85 15.59
N GLY A 143 2.14 17.95 14.62
CA GLY A 143 3.28 17.08 14.34
C GLY A 143 3.52 16.95 12.84
N ILE A 144 4.49 16.11 12.48
CA ILE A 144 4.88 15.88 11.10
C ILE A 144 4.99 14.39 10.76
N PHE A 145 4.89 14.07 9.48
CA PHE A 145 5.24 12.75 8.95
C PHE A 145 6.50 12.96 8.15
N VAL A 146 7.48 12.10 8.34
CA VAL A 146 8.79 12.26 7.70
C VAL A 146 9.22 10.98 6.98
N GLN A 147 9.98 11.18 5.93
CA GLN A 147 10.61 10.11 5.19
C GLN A 147 12.03 10.61 5.04
N PRO A 148 12.99 9.73 4.78
CA PRO A 148 14.38 10.17 4.63
C PRO A 148 14.56 10.89 3.28
N VAL A 149 15.46 11.88 3.24
CA VAL A 149 15.92 12.44 1.96
C VAL A 149 16.43 11.29 1.10
N PRO A 150 16.40 11.47 -0.21
CA PRO A 150 16.91 10.46 -1.14
C PRO A 150 18.33 10.04 -0.71
N HIS A 151 18.64 8.74 -0.70
CA HIS A 151 19.96 8.25 -0.22
C HIS A 151 20.27 8.57 1.23
N GLY A 152 19.28 8.99 2.02
CA GLY A 152 19.53 9.29 3.44
C GLY A 152 18.94 8.25 4.41
N THR A 153 19.16 8.49 5.71
CA THR A 153 18.50 7.76 6.77
C THR A 153 18.16 8.77 7.85
N ILE A 154 16.90 8.81 8.27
CA ILE A 154 16.50 9.73 9.31
C ILE A 154 17.31 9.46 10.59
N SER A 155 17.78 10.52 11.24
CA SER A 155 18.45 10.35 12.46
C SER A 155 17.87 11.29 13.50
N PHE A 156 17.89 10.88 14.78
CA PHE A 156 17.56 11.79 15.88
C PHE A 156 18.75 11.90 16.87
N GLY A 157 18.86 13.04 17.53
CA GLY A 157 20.00 13.32 18.42
C GLY A 157 21.25 13.77 17.69
N PRO A 158 22.43 13.67 18.32
CA PRO A 158 22.62 12.93 19.55
C PRO A 158 22.23 13.77 20.76
N TRP A 159 22.15 13.12 21.92
CA TRP A 159 21.96 13.83 23.15
C TRP A 159 23.14 13.49 24.09
N GLY A 160 23.54 14.48 24.88
CA GLY A 160 24.69 14.32 25.74
C GLY A 160 25.65 15.48 25.60
N GLY A 161 26.93 15.20 25.84
CA GLY A 161 27.95 16.22 25.85
C GLY A 161 28.88 16.13 24.66
N PRO A 162 29.84 17.06 24.62
CA PRO A 162 30.59 17.33 23.40
C PRO A 162 31.87 16.50 23.26
N ALA A 163 32.28 15.85 24.34
CA ALA A 163 33.61 15.23 24.33
C ALA A 163 33.59 13.80 23.77
N GLY A 164 34.60 13.02 24.14
CA GLY A 164 34.73 11.67 23.68
C GLY A 164 35.81 11.65 22.61
N ASP A 165 36.55 10.60 22.66
CA ASP A 165 37.67 10.38 21.78
C ASP A 165 37.30 9.49 20.59
N ASP A 166 36.37 8.55 20.81
CA ASP A 166 35.91 7.52 19.83
C ASP A 166 34.49 7.81 19.34
N ALA A 167 34.32 8.16 18.07
CA ALA A 167 32.99 8.43 17.53
C ALA A 167 32.43 7.14 16.96
N PHE A 168 31.14 6.91 17.13
CA PHE A 168 30.61 5.71 16.48
C PHE A 168 29.41 6.02 15.59
N ASN A 169 29.19 5.19 14.60
CA ASN A 169 28.19 5.47 13.61
C ASN A 169 27.94 4.21 12.86
N PHE A 170 26.79 3.59 12.99
CA PHE A 170 26.55 2.38 12.20
C PHE A 170 25.05 2.25 11.94
N LYS A 171 24.70 1.44 10.94
CA LYS A 171 23.33 1.14 10.60
C LYS A 171 23.37 -0.35 10.27
N VAL A 172 22.29 -1.07 10.52
CA VAL A 172 22.28 -2.51 10.27
C VAL A 172 21.22 -2.83 9.21
N GLY A 173 21.36 -3.97 8.52
CA GLY A 173 20.39 -4.34 7.50
C GLY A 173 19.36 -5.37 7.96
N SER A 174 19.35 -5.68 9.26
CA SER A 174 18.27 -6.46 9.82
C SER A 174 17.56 -5.68 10.94
N TRP A 175 17.92 -5.99 12.19
CA TRP A 175 17.35 -5.29 13.34
C TRP A 175 18.28 -5.40 14.55
N ILE A 176 18.08 -4.53 15.55
CA ILE A 176 18.87 -4.63 16.76
C ILE A 176 18.24 -5.70 17.66
N LYS A 177 19.05 -6.69 18.04
CA LYS A 177 18.58 -7.86 18.77
C LYS A 177 19.01 -7.78 20.24
N ASP A 178 20.24 -7.37 20.48
CA ASP A 178 20.76 -7.28 21.84
C ASP A 178 21.37 -5.91 22.10
N ILE A 179 21.13 -5.41 23.31
CA ILE A 179 21.86 -4.27 23.80
C ILE A 179 22.52 -4.60 25.14
N ILE A 180 23.84 -4.52 25.18
CA ILE A 180 24.62 -4.72 26.38
C ILE A 180 25.06 -3.36 26.90
N ILE A 181 24.46 -2.94 28.02
CA ILE A 181 24.86 -1.75 28.76
C ILE A 181 25.67 -2.09 30.05
N TYR A 182 26.76 -1.37 30.27
CA TYR A 182 27.44 -1.32 31.59
C TYR A 182 27.18 0.06 32.22
N ALA A 183 26.73 0.08 33.48
CA ALA A 183 26.30 1.33 34.15
C ALA A 183 26.29 1.28 35.70
N ASP A 184 26.70 2.37 36.34
CA ASP A 184 26.51 2.59 37.78
C ASP A 184 25.61 3.83 37.95
N ALA A 185 26.22 5.02 38.00
CA ALA A 185 25.43 6.26 38.06
C ALA A 185 25.30 6.85 36.65
N ALA A 186 26.31 6.58 35.83
CA ALA A 186 26.32 6.95 34.43
C ALA A 186 26.30 5.68 33.56
N ILE A 187 26.17 5.88 32.24
CA ILE A 187 26.35 4.82 31.26
C ILE A 187 27.80 4.85 30.90
N ASN A 188 28.46 3.72 31.15
CA ASN A 188 29.88 3.57 30.94
C ASN A 188 30.21 3.11 29.53
N SER A 189 29.34 2.25 29.03
CA SER A 189 29.51 1.67 27.75
C SER A 189 28.21 1.08 27.27
N ILE A 190 28.12 1.00 25.97
CA ILE A 190 27.03 0.32 25.32
C ILE A 190 27.62 -0.46 24.15
N ALA A 191 27.05 -1.62 23.87
CA ALA A 191 27.35 -2.37 22.66
C ALA A 191 26.04 -2.98 22.14
N PHE A 192 26.05 -3.46 20.88
CA PHE A 192 24.82 -3.93 20.26
C PHE A 192 25.08 -5.17 19.40
N LYS A 193 24.10 -6.06 19.31
CA LYS A 193 24.09 -7.14 18.32
C LYS A 193 22.88 -7.11 17.38
N ASP A 194 23.19 -7.22 16.08
CA ASP A 194 22.36 -7.68 14.97
C ASP A 194 21.48 -8.87 15.21
N ALA A 195 20.41 -8.98 14.42
CA ALA A 195 19.77 -10.27 14.21
C ALA A 195 20.75 -11.35 13.73
N ASN A 196 21.84 -10.95 13.08
CA ASN A 196 22.77 -11.94 12.52
C ASN A 196 23.85 -12.36 13.49
N GLY A 197 23.90 -11.70 14.65
CA GLY A 197 24.91 -12.02 15.64
C GLY A 197 26.12 -11.15 15.51
N HIS A 198 26.12 -10.21 14.59
CA HIS A 198 27.23 -9.30 14.44
C HIS A 198 27.20 -8.26 15.55
N CYS A 199 28.37 -7.96 16.11
CA CYS A 199 28.48 -7.09 17.28
C CYS A 199 29.06 -5.71 16.91
N TYR A 200 28.52 -4.68 17.55
CA TYR A 200 28.98 -3.32 17.32
C TYR A 200 29.42 -2.67 18.64
N GLY A 201 30.69 -2.32 18.67
CA GLY A 201 31.26 -1.54 19.72
C GLY A 201 31.92 -2.31 20.83
N LYS A 202 31.31 -2.14 21.99
CA LYS A 202 31.94 -1.60 23.16
C LYS A 202 32.25 -0.17 22.68
N PHE A 203 31.31 0.72 22.94
CA PHE A 203 31.52 2.14 22.83
C PHE A 203 31.49 2.62 24.27
N GLY A 204 32.64 3.08 24.76
CA GLY A 204 32.81 3.42 26.17
C GLY A 204 33.63 2.39 26.94
N GLY A 205 33.61 2.50 28.26
CA GLY A 205 34.35 1.61 29.17
C GLY A 205 35.86 1.47 28.98
N GLN A 206 36.54 2.60 28.77
CA GLN A 206 38.00 2.64 28.62
C GLN A 206 38.72 2.94 29.94
N ASP A 207 37.96 3.36 30.94
CA ASP A 207 38.44 3.61 32.31
C ASP A 207 38.55 2.31 33.06
N PRO A 208 39.79 1.89 33.32
CA PRO A 208 40.04 0.62 34.00
C PRO A 208 39.33 0.54 35.39
N ASN A 209 39.34 1.66 36.13
CA ASN A 209 38.70 1.77 37.46
C ASN A 209 37.17 1.80 37.44
N ASP A 210 36.61 1.97 36.25
CA ASP A 210 35.21 2.32 36.12
C ASP A 210 34.60 1.76 34.81
N ILE A 211 34.53 0.42 34.74
CA ILE A 211 33.80 -0.23 33.67
C ILE A 211 32.30 -0.34 33.95
N GLY A 212 31.91 -0.38 35.22
CA GLY A 212 30.50 -0.47 35.61
C GLY A 212 29.92 -1.88 35.62
N VAL A 213 28.59 -1.97 35.70
CA VAL A 213 27.89 -3.23 35.95
C VAL A 213 26.99 -3.61 34.75
N GLU A 214 27.20 -4.82 34.22
CA GLU A 214 26.51 -5.31 33.02
C GLU A 214 25.03 -5.64 33.18
N LYS A 215 24.22 -5.06 32.29
CA LYS A 215 22.82 -5.42 32.10
C LYS A 215 22.54 -5.52 30.59
N LYS A 216 21.60 -6.39 30.23
CA LYS A 216 21.34 -6.69 28.84
C LYS A 216 19.88 -6.45 28.52
N VAL A 217 19.62 -6.02 27.28
CA VAL A 217 18.28 -5.98 26.74
C VAL A 217 18.26 -7.00 25.62
N GLU A 218 17.31 -7.92 25.70
CA GLU A 218 17.16 -8.97 24.70
C GLU A 218 15.86 -8.83 23.96
N ILE A 219 15.94 -8.43 22.70
CA ILE A 219 14.74 -8.22 21.91
C ILE A 219 14.35 -9.50 21.21
N ASP A 220 13.09 -9.88 21.40
CA ASP A 220 12.49 -11.06 20.78
C ASP A 220 11.86 -10.60 19.45
N GLY A 221 12.54 -10.89 18.35
CA GLY A 221 12.18 -10.35 17.05
C GLY A 221 10.88 -10.87 16.48
N ASN A 222 10.40 -12.00 16.98
CA ASN A 222 9.10 -12.49 16.53
C ASN A 222 7.92 -11.66 17.09
N LEU A 223 8.08 -11.06 18.28
CA LEU A 223 7.01 -10.27 18.91
C LEU A 223 7.25 -8.74 19.02
N GLU A 224 8.51 -8.33 18.94
CA GLU A 224 8.99 -7.04 19.43
C GLU A 224 10.00 -6.36 18.47
N HIS A 225 9.96 -5.04 18.39
CA HIS A 225 11.02 -4.32 17.68
C HIS A 225 11.33 -3.01 18.40
N LEU A 226 12.61 -2.61 18.43
CA LEU A 226 13.07 -1.31 18.95
C LEU A 226 12.47 -0.15 18.14
N LYS A 227 11.80 0.77 18.80
CA LYS A 227 11.10 1.85 18.14
C LYS A 227 11.77 3.20 18.43
N SER A 228 12.37 3.33 19.62
CA SER A 228 12.85 4.60 20.10
C SER A 228 13.72 4.44 21.33
N ILE A 229 14.33 5.53 21.77
CA ILE A 229 15.04 5.55 23.05
C ILE A 229 14.65 6.79 23.86
N SER A 230 15.00 6.76 25.15
CA SER A 230 14.94 7.94 26.01
C SER A 230 16.02 7.83 27.08
N GLY A 231 16.13 8.86 27.92
CA GLY A 231 17.15 8.89 28.96
C GLY A 231 17.47 10.27 29.48
N THR A 232 18.66 10.42 30.06
CA THR A 232 19.08 11.69 30.67
C THR A 232 20.56 11.87 30.39
N TYR A 233 21.04 13.10 30.46
CA TYR A 233 22.48 13.36 30.35
C TYR A 233 22.84 14.46 31.33
N GLY A 234 24.07 14.42 31.84
CA GLY A 234 24.54 15.40 32.82
C GLY A 234 25.97 15.16 33.25
N ASN A 235 26.35 15.78 34.37
CA ASN A 235 27.69 15.60 34.99
C ASN A 235 27.91 14.20 35.49
N TYR A 236 29.14 13.74 35.32
CA TYR A 236 29.63 12.52 35.93
C TYR A 236 31.15 12.65 36.03
N LYS A 237 31.63 12.80 37.27
CA LYS A 237 33.04 13.00 37.53
C LYS A 237 33.58 14.14 36.67
N GLY A 238 32.90 15.28 36.71
CA GLY A 238 33.36 16.46 35.94
C GLY A 238 33.00 16.58 34.46
N PHE A 239 32.69 15.46 33.79
CA PHE A 239 32.39 15.39 32.34
C PHE A 239 30.88 15.49 32.09
N GLU A 240 30.48 15.89 30.87
CA GLU A 240 29.04 15.76 30.47
C GLU A 240 28.80 14.47 29.67
N VAL A 241 28.02 13.53 30.24
CA VAL A 241 27.76 12.21 29.60
C VAL A 241 26.32 11.73 29.72
N VAL A 242 26.01 10.67 28.98
CA VAL A 242 24.71 10.00 29.11
C VAL A 242 24.63 9.35 30.50
N THR A 243 23.65 9.76 31.30
CA THR A 243 23.50 9.25 32.68
C THR A 243 22.47 8.14 32.79
N SER A 244 21.42 8.17 31.95
CA SER A 244 20.51 7.03 31.85
C SER A 244 19.91 6.84 30.45
N LEU A 245 19.61 5.58 30.12
CA LEU A 245 18.95 5.19 28.89
C LEU A 245 17.82 4.21 29.17
N SER A 246 16.78 4.30 28.35
CA SER A 246 15.74 3.29 28.23
C SER A 246 15.53 2.99 26.74
N PHE A 247 15.02 1.80 26.44
CA PHE A 247 14.85 1.34 25.09
C PHE A 247 13.40 1.00 24.88
N ILE A 248 12.78 1.72 23.95
CA ILE A 248 11.36 1.64 23.81
C ILE A 248 11.04 0.75 22.63
N THR A 249 10.25 -0.29 22.88
CA THR A 249 9.81 -1.16 21.81
C THR A 249 8.32 -0.99 21.63
N ASN A 250 7.69 -1.88 20.87
CA ASN A 250 6.26 -1.79 20.61
C ASN A 250 5.49 -2.51 21.71
N VAL A 251 6.22 -3.32 22.47
CA VAL A 251 5.68 -4.09 23.58
C VAL A 251 5.90 -3.33 24.91
N THR A 252 7.15 -3.08 25.29
CA THR A 252 7.44 -2.48 26.59
C THR A 252 8.55 -1.41 26.55
N LYS A 253 8.84 -0.83 27.72
CA LYS A 253 9.96 0.07 27.88
C LYS A 253 11.03 -0.64 28.74
N HIS A 254 12.22 -0.87 28.19
CA HIS A 254 13.28 -1.51 28.96
C HIS A 254 14.19 -0.49 29.66
N GLY A 255 14.42 -0.70 30.95
CA GLY A 255 15.23 0.20 31.77
C GLY A 255 14.33 0.91 32.73
N PRO A 256 14.78 2.04 33.28
CA PRO A 256 16.03 2.69 32.89
C PRO A 256 17.31 2.03 33.40
N PHE A 257 18.41 2.30 32.71
CA PHE A 257 19.71 1.77 33.06
C PHE A 257 20.55 3.00 33.35
N GLY A 258 21.40 2.95 34.37
CA GLY A 258 22.05 4.16 34.87
C GLY A 258 21.06 4.79 35.80
N ILE A 259 21.38 6.00 36.25
CA ILE A 259 20.49 6.71 37.16
C ILE A 259 20.07 8.05 36.56
N ALA A 260 18.77 8.34 36.65
CA ALA A 260 18.16 9.50 35.98
C ALA A 260 18.57 10.84 36.60
N SER A 261 19.56 11.49 35.96
CA SER A 261 20.08 12.76 36.44
C SER A 261 20.36 13.76 35.30
N GLY A 262 20.20 15.05 35.60
CA GLY A 262 20.47 16.13 34.65
C GLY A 262 19.29 16.45 33.73
N THR A 263 19.60 16.59 32.45
CA THR A 263 18.53 16.82 31.47
C THR A 263 17.98 15.50 30.94
N SER A 264 16.65 15.37 30.95
CA SER A 264 16.05 14.21 30.32
C SER A 264 15.66 14.49 28.87
N PHE A 265 15.65 13.43 28.04
CA PHE A 265 15.28 13.55 26.61
C PHE A 265 14.40 12.40 26.17
N SER A 266 13.64 12.63 25.12
CA SER A 266 12.87 11.59 24.44
C SER A 266 12.52 12.04 23.00
N ILE A 267 12.07 11.10 22.17
CA ILE A 267 11.54 11.45 20.86
C ILE A 267 10.16 10.87 20.74
N PRO A 268 9.15 11.72 20.60
CA PRO A 268 7.81 11.26 20.34
C PRO A 268 7.73 10.79 18.87
N ILE A 269 8.05 9.52 18.62
CA ILE A 269 7.97 8.95 17.28
C ILE A 269 7.16 7.66 17.24
N GLU A 270 6.41 7.47 16.17
CA GLU A 270 5.70 6.23 15.93
C GLU A 270 5.98 5.73 14.53
N GLY A 271 5.70 4.45 14.27
CA GLY A 271 5.93 3.85 12.97
C GLY A 271 7.40 3.69 12.62
N SER A 272 8.28 3.77 13.60
CA SER A 272 9.70 3.64 13.36
C SER A 272 10.27 2.34 13.85
N LEU A 273 11.34 1.95 13.17
CA LEU A 273 12.23 0.90 13.62
C LEU A 273 13.63 1.50 13.75
N VAL A 274 14.27 1.35 14.91
CA VAL A 274 15.65 1.82 15.08
C VAL A 274 16.60 0.92 14.30
N THR A 275 17.40 1.48 13.40
CA THR A 275 18.32 0.64 12.62
C THR A 275 19.78 0.95 12.90
N GLY A 276 20.06 1.87 13.81
CA GLY A 276 21.45 2.21 14.10
C GLY A 276 21.57 3.25 15.20
N PHE A 277 22.81 3.57 15.55
CA PHE A 277 23.13 4.47 16.65
C PHE A 277 24.31 5.28 16.20
N HIS A 278 24.37 6.52 16.66
CA HIS A 278 25.59 7.30 16.44
C HIS A 278 25.85 8.07 17.72
N GLY A 279 27.10 8.46 17.92
CA GLY A 279 27.48 9.25 19.04
C GLY A 279 28.99 9.29 19.16
N LYS A 280 29.42 9.63 20.37
CA LYS A 280 30.83 9.61 20.80
C LYS A 280 30.99 9.02 22.21
N SER A 281 32.05 8.24 22.36
CA SER A 281 32.41 7.62 23.64
C SER A 281 33.91 7.80 23.89
N GLY A 282 34.30 7.78 25.16
CA GLY A 282 35.72 7.70 25.55
C GLY A 282 35.80 6.69 26.67
N TYR A 283 36.02 7.21 27.87
CA TYR A 283 35.96 6.46 29.09
C TYR A 283 34.51 6.02 29.29
N TYR A 284 33.59 6.96 29.00
CA TYR A 284 32.15 6.76 29.19
C TYR A 284 31.39 7.02 27.91
N LEU A 285 30.07 6.89 27.95
CA LEU A 285 29.21 7.22 26.81
C LEU A 285 28.89 8.71 26.84
N ASP A 286 29.62 9.50 26.03
CA ASP A 286 29.44 10.97 26.02
C ASP A 286 28.09 11.39 25.46
N SER A 287 27.78 10.89 24.27
CA SER A 287 26.58 11.25 23.53
C SER A 287 26.04 10.04 22.74
N ILE A 288 24.74 10.01 22.53
CA ILE A 288 24.15 8.99 21.66
C ILE A 288 22.87 9.51 21.00
N GLY A 289 22.67 9.07 19.76
CA GLY A 289 21.42 9.27 19.00
C GLY A 289 21.09 8.04 18.14
N ILE A 290 19.95 8.06 17.48
CA ILE A 290 19.52 6.87 16.70
C ILE A 290 19.38 7.11 15.19
N TYR A 291 19.40 6.01 14.46
CA TYR A 291 18.93 5.98 13.09
C TYR A 291 17.65 5.19 13.09
N VAL A 292 16.69 5.68 12.30
CA VAL A 292 15.43 5.00 12.13
C VAL A 292 15.00 4.94 10.68
N LYS A 293 14.28 3.87 10.41
CA LYS A 293 13.68 3.58 9.15
C LYS A 293 12.18 3.47 9.45
N PRO A 294 11.33 3.86 8.50
CA PRO A 294 9.90 3.59 8.62
C PRO A 294 9.66 2.08 8.58
N ARG A 295 8.73 1.60 9.39
CA ARG A 295 8.28 0.22 9.28
C ARG A 295 6.95 0.07 8.53
N ASP A 296 6.98 -0.43 7.31
CA ASP A 296 5.71 -1.03 6.79
C ASP A 296 6.16 -2.41 7.19
N VAL A 297 6.52 -2.50 8.42
CA VAL A 297 7.07 -3.72 8.95
C VAL A 297 6.07 -4.84 8.77
N GLU A 298 4.84 -4.51 8.51
CA GLU A 298 3.90 -5.52 8.09
C GLU A 298 4.21 -5.60 6.59
N GLY A 299 4.84 -6.76 5.78
CA GLY A 299 5.30 -6.22 4.42
C GLY A 299 5.82 -7.31 3.46
N SER A 300 6.99 -7.91 3.71
CA SER A 300 7.68 -8.54 2.58
C SER A 300 7.61 -10.10 2.41
N ILE A 301 7.45 -10.57 1.17
CA ILE A 301 7.50 -12.02 0.87
C ILE A 301 8.91 -12.58 0.84
N SER A 302 9.08 -13.76 1.39
CA SER A 302 10.38 -14.40 1.45
C SER A 302 10.35 -15.65 0.60
N ILE A 303 11.39 -15.89 -0.20
CA ILE A 303 11.51 -17.10 -1.03
C ILE A 303 12.88 -17.83 -0.83
N GLY A 304 12.86 -19.16 -0.79
CA GLY A 304 14.06 -19.92 -0.45
C GLY A 304 14.20 -19.96 1.04
N PRO A 305 15.40 -20.14 1.59
CA PRO A 305 16.65 -20.26 0.80
C PRO A 305 16.78 -21.55 0.06
N TRP A 306 17.73 -21.59 -0.88
CA TRP A 306 18.12 -22.85 -1.55
C TRP A 306 19.49 -23.14 -1.06
N GLY A 307 19.92 -24.39 -1.10
CA GLY A 307 21.28 -24.74 -0.66
C GLY A 307 21.28 -25.63 0.56
N GLY A 308 22.42 -25.72 1.24
CA GLY A 308 22.57 -26.60 2.40
C GLY A 308 22.06 -26.03 3.69
N SER A 309 22.11 -26.86 4.75
CA SER A 309 21.64 -26.42 6.08
C SER A 309 22.74 -26.05 7.07
N GLY A 310 23.99 -25.98 6.61
CA GLY A 310 25.08 -25.55 7.46
C GLY A 310 25.10 -24.04 7.54
N GLY A 311 26.09 -23.50 8.24
CA GLY A 311 26.26 -22.04 8.36
C GLY A 311 25.32 -21.37 9.34
N ASP A 312 25.60 -20.11 9.62
CA ASP A 312 24.77 -19.25 10.46
C ASP A 312 23.80 -18.42 9.62
N PRO A 313 22.57 -18.26 10.10
CA PRO A 313 21.53 -17.63 9.28
C PRO A 313 21.85 -16.16 9.20
N TRP A 314 21.51 -15.53 8.09
CA TRP A 314 21.68 -14.10 8.03
C TRP A 314 20.58 -13.49 7.18
N SER A 315 20.46 -12.18 7.24
CA SER A 315 19.52 -11.49 6.39
C SER A 315 20.04 -10.09 6.18
N TYR A 316 19.63 -9.50 5.07
CA TYR A 316 19.98 -8.15 4.71
C TYR A 316 18.86 -7.59 3.86
N THR A 317 18.30 -6.51 4.37
CA THR A 317 17.25 -5.79 3.74
C THR A 317 17.74 -4.38 3.48
N ALA A 318 17.68 -3.90 2.27
CA ALA A 318 18.18 -2.56 1.96
C ALA A 318 17.41 -1.46 2.65
N ASN A 319 18.11 -0.37 2.91
CA ASN A 319 17.45 0.79 3.47
C ASN A 319 16.78 1.57 2.34
N GLU A 320 17.44 1.58 1.19
CA GLU A 320 16.94 2.21 -0.02
C GLU A 320 16.89 1.20 -1.19
N GLY A 321 17.94 1.19 -2.01
CA GLY A 321 17.98 0.29 -3.18
C GLY A 321 19.33 -0.43 -3.29
N ILE A 322 19.32 -1.76 -3.48
CA ILE A 322 20.58 -2.53 -3.60
C ILE A 322 21.25 -2.17 -4.92
N ASN A 323 22.47 -1.68 -4.74
CA ASN A 323 23.34 -1.02 -5.71
C ASN A 323 24.46 -1.90 -6.23
N GLN A 324 24.98 -2.74 -5.35
CA GLN A 324 26.21 -3.46 -5.58
C GLN A 324 26.13 -4.80 -4.86
N ILE A 325 26.64 -5.81 -5.55
CA ILE A 325 26.92 -7.09 -4.95
C ILE A 325 28.40 -7.44 -5.16
N ILE A 326 29.07 -7.86 -4.09
CA ILE A 326 30.40 -8.42 -4.15
C ILE A 326 30.30 -9.92 -3.87
N ILE A 327 30.64 -10.74 -4.88
CA ILE A 327 30.62 -12.20 -4.76
C ILE A 327 32.05 -12.74 -4.89
N TYR A 328 32.48 -13.52 -3.90
CA TYR A 328 33.76 -14.20 -4.01
C TYR A 328 33.48 -15.60 -4.43
N ALA A 329 34.20 -16.07 -5.45
CA ALA A 329 33.92 -17.37 -6.05
C ALA A 329 35.15 -18.12 -6.53
N GLY A 330 35.02 -19.44 -6.55
CA GLY A 330 35.98 -20.36 -7.15
C GLY A 330 35.13 -21.45 -7.76
N SER A 331 35.29 -22.68 -7.24
CA SER A 331 34.44 -23.80 -7.57
C SER A 331 33.09 -23.68 -6.93
N ASN A 332 32.99 -22.87 -5.87
CA ASN A 332 31.73 -22.62 -5.22
C ASN A 332 31.69 -21.17 -4.80
N ILE A 333 30.60 -20.76 -4.14
CA ILE A 333 30.49 -19.38 -3.74
C ILE A 333 30.99 -19.34 -2.33
N LYS A 334 32.00 -18.51 -2.09
CA LYS A 334 32.63 -18.43 -0.79
C LYS A 334 31.92 -17.41 0.08
N SER A 335 31.46 -16.32 -0.52
CA SER A 335 30.90 -15.21 0.25
C SER A 335 30.10 -14.29 -0.64
N VAL A 336 29.16 -13.61 0.00
CA VAL A 336 28.42 -12.56 -0.63
C VAL A 336 28.28 -11.31 0.27
N ALA A 337 28.16 -10.14 -0.36
CA ALA A 337 28.02 -8.89 0.33
C ALA A 337 27.25 -7.92 -0.55
N PHE A 338 26.57 -6.94 0.08
CA PHE A 338 25.63 -6.06 -0.62
C PHE A 338 25.85 -4.63 -0.15
N LYS A 339 25.65 -3.69 -1.08
CA LYS A 339 25.67 -2.28 -0.73
C LYS A 339 24.44 -1.64 -1.33
N ASP A 340 23.98 -0.53 -0.74
CA ASP A 340 22.77 0.13 -1.18
C ASP A 340 22.97 1.61 -1.42
N THR A 341 22.00 2.25 -2.07
CA THR A 341 22.19 3.64 -2.53
C THR A 341 22.25 4.67 -1.41
N SER A 342 21.87 4.27 -0.20
CA SER A 342 21.92 5.15 0.97
C SER A 342 23.16 4.89 1.80
N GLY A 343 24.01 3.99 1.33
CA GLY A 343 25.27 3.71 2.01
C GLY A 343 25.16 2.60 3.03
N LEU A 344 24.14 1.76 2.95
CA LEU A 344 24.04 0.62 3.89
C LEU A 344 24.76 -0.57 3.29
N ASP A 345 25.86 -0.94 3.92
CA ASP A 345 26.67 -2.04 3.45
C ASP A 345 26.57 -3.24 4.39
N SER A 346 26.20 -4.40 3.87
CA SER A 346 26.13 -5.58 4.72
C SER A 346 27.52 -6.01 5.16
N ALA A 347 27.55 -6.82 6.21
CA ALA A 347 28.67 -7.67 6.54
C ALA A 347 28.91 -8.60 5.34
N THR A 348 30.07 -9.26 5.35
CA THR A 348 30.38 -10.28 4.37
C THR A 348 29.86 -11.61 4.89
N PHE A 349 29.03 -12.28 4.11
CA PHE A 349 28.45 -13.53 4.50
C PHE A 349 29.21 -14.68 3.82
N GLY A 350 30.02 -15.36 4.63
CA GLY A 350 30.88 -16.44 4.14
C GLY A 350 32.31 -15.94 4.13
N GLY A 351 33.23 -16.74 3.58
CA GLY A 351 34.63 -16.33 3.44
C GLY A 351 35.47 -16.21 4.71
N VAL A 352 35.13 -17.03 5.71
CA VAL A 352 35.72 -16.98 7.06
C VAL A 352 37.04 -17.77 7.19
N ASN A 353 37.19 -18.81 6.37
CA ASN A 353 38.45 -19.52 6.26
C ASN A 353 39.38 -18.79 5.25
N PRO A 354 40.45 -18.15 5.72
CA PRO A 354 41.34 -17.35 4.84
C PRO A 354 42.18 -18.18 3.84
N LYS A 355 42.25 -19.50 4.04
CA LYS A 355 42.86 -20.41 3.09
C LYS A 355 41.99 -20.68 1.84
N ASP A 356 40.74 -20.25 1.86
CA ASP A 356 39.79 -20.59 0.81
C ASP A 356 38.77 -19.48 0.64
N THR A 357 39.19 -18.39 -0.01
CA THR A 357 38.36 -17.21 -0.15
C THR A 357 37.95 -16.86 -1.58
N GLY A 358 38.52 -17.55 -2.57
CA GLY A 358 38.12 -17.35 -3.99
C GLY A 358 38.46 -16.02 -4.62
N GLU A 359 37.88 -15.72 -5.78
CA GLU A 359 38.17 -14.43 -6.40
C GLU A 359 37.03 -13.42 -6.35
N LYS A 360 37.40 -12.16 -6.21
CA LYS A 360 36.47 -11.08 -6.08
C LYS A 360 35.70 -10.80 -7.40
N ASN A 361 34.37 -10.72 -7.30
CA ASN A 361 33.52 -10.27 -8.41
C ASN A 361 32.59 -9.18 -7.92
N THR A 362 32.47 -8.12 -8.69
CA THR A 362 31.55 -7.06 -8.34
C THR A 362 30.46 -6.96 -9.39
N VAL A 363 29.21 -6.88 -8.93
CA VAL A 363 28.04 -6.66 -9.80
C VAL A 363 27.48 -5.28 -9.53
N SER A 364 27.20 -4.50 -10.57
CA SER A 364 26.62 -3.18 -10.37
C SER A 364 25.22 -3.08 -10.91
N ILE A 365 24.37 -2.36 -10.18
CA ILE A 365 22.96 -2.22 -10.52
C ILE A 365 22.65 -0.74 -10.51
N ASN A 366 22.27 -0.21 -11.66
CA ASN A 366 21.96 1.22 -11.82
C ASN A 366 20.60 1.64 -11.19
N TRP A 367 20.48 1.50 -9.86
CA TRP A 367 19.19 1.68 -9.14
C TRP A 367 18.77 3.13 -9.11
N PRO A 368 17.50 3.50 -9.31
CA PRO A 368 16.35 2.59 -9.46
C PRO A 368 15.88 2.23 -10.88
N SER A 369 16.49 2.78 -11.93
CA SER A 369 16.01 2.42 -13.27
C SER A 369 16.37 0.96 -13.58
N GLU A 370 17.46 0.47 -12.98
CA GLU A 370 17.71 -1.00 -12.90
C GLU A 370 17.61 -1.50 -11.43
N TYR A 371 16.97 -2.65 -11.21
CA TYR A 371 16.71 -3.13 -9.86
C TYR A 371 16.66 -4.64 -9.86
N LEU A 372 17.06 -5.26 -8.74
CA LEU A 372 17.09 -6.71 -8.66
C LEU A 372 15.70 -7.33 -8.76
N THR A 373 15.64 -8.52 -9.34
CA THR A 373 14.42 -9.16 -9.76
C THR A 373 14.42 -10.64 -9.37
N SER A 374 15.56 -11.33 -9.48
CA SER A 374 15.62 -12.73 -9.06
C SER A 374 17.04 -13.23 -8.97
N ILE A 375 17.16 -14.51 -8.64
CA ILE A 375 18.44 -15.17 -8.60
C ILE A 375 18.20 -16.56 -9.12
N SER A 376 19.29 -17.22 -9.48
CA SER A 376 19.23 -18.60 -9.91
C SER A 376 20.64 -19.13 -9.65
N GLY A 377 20.81 -20.44 -9.69
CA GLY A 377 22.13 -20.99 -9.51
C GLY A 377 22.08 -22.49 -9.33
N THR A 378 23.07 -23.03 -8.65
CA THR A 378 23.10 -24.45 -8.26
C THR A 378 23.69 -24.58 -6.90
N TYR A 379 23.43 -25.73 -6.30
CA TYR A 379 24.10 -26.14 -5.11
C TYR A 379 24.50 -27.62 -5.11
N GLY A 380 25.55 -27.94 -4.34
CA GLY A 380 25.92 -29.34 -4.08
C GLY A 380 27.13 -29.46 -3.20
N GLN A 381 27.81 -30.60 -3.32
CA GLN A 381 29.00 -30.89 -2.54
C GLN A 381 30.23 -30.14 -3.02
N TYR A 382 30.99 -29.64 -2.05
CA TYR A 382 32.24 -28.98 -2.24
C TYR A 382 33.16 -29.48 -1.12
N LYS A 383 34.38 -29.86 -1.49
CA LYS A 383 35.36 -30.36 -0.55
C LYS A 383 36.56 -29.40 -0.47
N PHE A 384 36.96 -29.06 0.74
CA PHE A 384 38.26 -28.47 0.95
C PHE A 384 39.01 -29.44 1.87
N LYS A 385 38.94 -29.22 3.19
CA LYS A 385 39.44 -30.29 4.06
C LYS A 385 38.26 -31.22 4.33
N ASP A 386 37.15 -30.64 4.80
CA ASP A 386 35.88 -31.34 4.94
C ASP A 386 35.01 -31.27 3.68
N VAL A 387 33.88 -31.97 3.74
CA VAL A 387 32.86 -31.87 2.72
C VAL A 387 31.71 -30.98 3.24
N PHE A 388 31.23 -30.10 2.36
CA PHE A 388 30.12 -29.18 2.67
C PHE A 388 29.08 -29.21 1.55
N THR A 389 27.84 -28.91 1.89
CA THR A 389 26.81 -28.73 0.88
C THR A 389 26.55 -27.23 0.78
N THR A 390 26.96 -26.61 -0.31
CA THR A 390 26.85 -25.14 -0.46
C THR A 390 26.27 -24.64 -1.80
N ILE A 391 26.05 -23.34 -1.90
CA ILE A 391 25.82 -22.69 -3.17
C ILE A 391 27.09 -22.89 -4.01
N THR A 392 26.98 -23.51 -5.18
CA THR A 392 28.18 -23.66 -6.05
C THR A 392 28.28 -22.65 -7.20
N SER A 393 27.16 -22.33 -7.85
CA SER A 393 27.14 -21.23 -8.83
C SER A 393 25.95 -20.31 -8.56
N LEU A 394 26.10 -19.05 -8.93
CA LEU A 394 25.08 -18.07 -8.62
C LEU A 394 24.99 -16.95 -9.69
N SER A 395 23.75 -16.61 -10.08
CA SER A 395 23.47 -15.46 -10.94
C SER A 395 22.40 -14.56 -10.35
N PHE A 396 22.50 -13.26 -10.65
CA PHE A 396 21.58 -12.22 -10.21
C PHE A 396 20.95 -11.56 -11.45
N THR A 397 19.62 -11.58 -11.52
CA THR A 397 18.89 -10.99 -12.61
C THR A 397 18.19 -9.70 -12.16
N THR A 398 18.25 -8.67 -13.01
CA THR A 398 17.47 -7.46 -12.81
C THR A 398 16.38 -7.37 -13.88
N ASN A 399 15.67 -6.25 -13.90
CA ASN A 399 14.75 -5.95 -14.98
C ASN A 399 15.44 -5.80 -16.36
N LEU A 400 16.74 -5.50 -16.36
CA LEU A 400 17.46 -5.27 -17.61
C LEU A 400 18.51 -6.29 -17.94
N ALA A 401 19.03 -7.03 -16.95
CA ALA A 401 20.22 -7.89 -17.17
C ALA A 401 20.33 -9.12 -16.25
N THR A 402 21.14 -10.11 -16.65
CA THR A 402 21.50 -11.24 -15.77
C THR A 402 23.01 -11.23 -15.55
N TYR A 403 23.46 -11.17 -14.30
CA TYR A 403 24.90 -11.11 -14.02
C TYR A 403 25.39 -12.44 -13.51
N GLY A 404 26.45 -12.96 -14.10
CA GLY A 404 26.95 -14.29 -13.74
C GLY A 404 26.87 -15.21 -14.95
N PRO A 405 26.96 -16.52 -14.74
CA PRO A 405 27.03 -17.14 -13.41
C PRO A 405 28.40 -17.02 -12.79
N PHE A 406 28.45 -16.94 -11.46
CA PHE A 406 29.67 -17.00 -10.69
C PHE A 406 29.77 -18.40 -10.14
N GLY A 407 31.00 -18.91 -9.96
CA GLY A 407 31.22 -20.27 -9.44
C GLY A 407 31.12 -21.29 -10.56
N LYS A 408 30.84 -22.54 -10.21
CA LYS A 408 30.72 -23.65 -11.17
C LYS A 408 29.46 -24.41 -10.94
N ALA A 409 28.84 -24.86 -12.02
CA ALA A 409 27.58 -25.55 -11.94
C ALA A 409 27.73 -26.95 -11.35
N SER A 410 26.91 -27.26 -10.37
CA SER A 410 26.83 -28.60 -9.85
C SER A 410 25.48 -29.09 -10.33
N ALA A 411 25.13 -30.35 -10.06
CA ALA A 411 23.92 -30.95 -10.65
C ALA A 411 22.59 -30.25 -10.31
N THR A 412 22.32 -29.98 -9.02
CA THR A 412 21.03 -29.44 -8.58
C THR A 412 20.93 -27.96 -8.84
N SER A 413 20.09 -27.60 -9.80
CA SER A 413 19.94 -26.23 -10.13
C SER A 413 18.73 -25.66 -9.39
N PHE A 414 18.69 -24.33 -9.27
CA PHE A 414 17.53 -23.70 -8.66
C PHE A 414 17.23 -22.41 -9.41
N SER A 415 15.96 -22.00 -9.40
CA SER A 415 15.50 -20.80 -10.11
C SER A 415 14.05 -20.52 -9.72
N ILE A 416 13.59 -19.29 -9.99
CA ILE A 416 12.26 -18.81 -9.54
C ILE A 416 11.56 -18.16 -10.74
N PRO A 417 10.57 -18.81 -11.35
CA PRO A 417 9.87 -18.19 -12.49
C PRO A 417 8.88 -17.16 -11.95
N ILE A 418 9.34 -15.92 -11.80
CA ILE A 418 8.65 -14.90 -11.03
C ILE A 418 8.60 -13.58 -11.81
N HIS A 419 7.51 -12.83 -11.64
CA HIS A 419 7.26 -11.63 -12.43
C HIS A 419 6.55 -10.62 -11.57
N ASN A 420 6.66 -9.37 -12.01
CA ASN A 420 5.96 -8.23 -11.42
C ASN A 420 6.42 -7.94 -10.00
N ASN A 421 7.72 -8.17 -9.77
CA ASN A 421 8.31 -8.09 -8.43
C ASN A 421 9.63 -7.34 -8.43
N MET A 422 10.06 -6.89 -7.26
CA MET A 422 11.43 -6.42 -7.10
C MET A 422 12.02 -7.10 -5.89
N VAL A 423 13.34 -7.22 -5.82
CA VAL A 423 14.04 -7.87 -4.69
C VAL A 423 14.47 -6.79 -3.71
N VAL A 424 14.05 -6.87 -2.44
CA VAL A 424 14.39 -5.80 -1.48
C VAL A 424 15.41 -6.22 -0.46
N GLY A 425 15.71 -7.50 -0.41
CA GLY A 425 16.81 -8.00 0.39
C GLY A 425 17.10 -9.46 0.17
N PHE A 426 18.08 -9.96 0.90
CA PHE A 426 18.51 -11.35 0.76
C PHE A 426 18.61 -11.97 2.14
N HIS A 427 18.65 -13.30 2.19
CA HIS A 427 18.90 -14.03 3.44
C HIS A 427 19.47 -15.41 3.13
N GLY A 428 20.07 -16.05 4.13
CA GLY A 428 20.51 -17.44 3.95
C GLY A 428 21.32 -17.96 5.11
N ARG A 429 22.21 -18.88 4.84
CA ARG A 429 23.19 -19.30 5.82
C ARG A 429 24.55 -19.16 5.18
N ALA A 430 25.53 -18.83 6.01
CA ALA A 430 26.94 -18.75 5.65
C ALA A 430 27.85 -19.11 6.83
N GLY A 431 28.97 -19.76 6.53
CA GLY A 431 30.04 -19.94 7.52
C GLY A 431 31.33 -19.72 6.78
N ASP A 432 32.01 -20.80 6.39
CA ASP A 432 33.21 -20.64 5.57
C ASP A 432 32.80 -20.29 4.14
N TYR A 433 31.65 -20.82 3.75
CA TYR A 433 31.07 -20.59 2.44
C TYR A 433 29.63 -20.08 2.54
N LEU A 434 29.09 -19.74 1.38
CA LEU A 434 27.66 -19.50 1.25
C LEU A 434 26.92 -20.86 1.14
N ASP A 435 26.44 -21.35 2.28
CA ASP A 435 25.63 -22.60 2.32
C ASP A 435 24.29 -22.46 1.59
N ALA A 436 23.60 -21.33 1.77
CA ALA A 436 22.25 -21.19 1.26
C ALA A 436 21.91 -19.71 1.06
N ILE A 437 21.04 -19.44 0.08
CA ILE A 437 20.61 -18.06 -0.22
C ILE A 437 19.18 -17.99 -0.75
N GLY A 438 18.46 -16.95 -0.34
CA GLY A 438 17.11 -16.69 -0.87
C GLY A 438 16.83 -15.19 -0.93
N ILE A 439 15.60 -14.81 -1.25
CA ILE A 439 15.30 -13.38 -1.48
C ILE A 439 14.08 -12.86 -0.71
N PHE A 440 14.07 -11.55 -0.45
CA PHE A 440 12.89 -10.85 -0.03
C PHE A 440 12.34 -10.06 -1.25
N VAL A 441 11.06 -10.22 -1.54
CA VAL A 441 10.46 -9.53 -2.68
C VAL A 441 9.20 -8.77 -2.30
N LYS A 442 8.94 -7.72 -3.08
CA LYS A 442 7.72 -6.93 -3.06
C LYS A 442 7.19 -6.85 -4.48
N PRO A 443 5.91 -6.62 -4.66
CA PRO A 443 5.38 -6.35 -6.00
C PRO A 443 6.05 -5.12 -6.65
N ASP A 444 6.31 -5.21 -7.96
CA ASP A 444 6.61 -4.07 -8.88
C ASP A 444 7.56 -4.27 -10.09
N GLY B 4 -7.54 0.20 -2.06
CA GLY B 4 -8.52 -0.39 -3.04
C GLY B 4 -9.87 0.28 -2.85
N MET B 5 -10.11 1.34 -3.61
CA MET B 5 -11.39 2.02 -3.61
C MET B 5 -11.59 2.67 -4.97
N ILE B 6 -12.83 3.05 -5.27
CA ILE B 6 -13.16 3.61 -6.53
C ILE B 6 -13.66 5.00 -6.23
N SER B 7 -13.27 5.95 -7.09
CA SER B 7 -13.72 7.32 -6.99
C SER B 7 -14.96 7.55 -7.87
N VAL B 8 -15.97 8.24 -7.35
CA VAL B 8 -17.17 8.53 -8.12
C VAL B 8 -17.42 10.04 -8.12
N GLY B 9 -17.78 10.60 -9.27
CA GLY B 9 -17.87 12.06 -9.37
C GLY B 9 -16.50 12.65 -9.58
N PRO B 10 -16.28 13.90 -9.16
CA PRO B 10 -17.24 14.64 -8.35
C PRO B 10 -18.24 15.33 -9.27
N TRP B 11 -19.30 15.90 -8.71
CA TRP B 11 -20.29 16.72 -9.43
C TRP B 11 -20.15 18.13 -8.95
N GLY B 12 -20.34 19.09 -9.83
CA GLY B 12 -20.15 20.50 -9.42
C GLY B 12 -19.24 21.21 -10.40
N GLY B 13 -18.67 22.34 -9.98
CA GLY B 13 -17.86 23.14 -10.89
C GLY B 13 -16.41 22.72 -10.88
N SER B 14 -15.59 23.43 -11.66
CA SER B 14 -14.16 23.15 -11.85
C SER B 14 -13.32 24.13 -11.06
N GLY B 15 -13.99 25.06 -10.35
CA GLY B 15 -13.30 26.04 -9.49
C GLY B 15 -12.58 25.40 -8.31
N GLY B 16 -11.93 26.24 -7.50
CA GLY B 16 -11.24 25.82 -6.28
C GLY B 16 -10.14 24.80 -6.52
N ASN B 17 -9.74 24.12 -5.44
CA ASN B 17 -8.73 23.10 -5.50
C ASN B 17 -9.28 21.75 -5.10
N TYR B 18 -8.76 20.71 -5.74
CA TYR B 18 -9.03 19.35 -5.36
C TYR B 18 -8.70 19.09 -3.90
N TRP B 19 -9.49 18.22 -3.27
CA TRP B 19 -9.16 17.74 -1.95
C TRP B 19 -9.69 16.34 -1.85
N SER B 20 -9.07 15.52 -1.01
CA SER B 20 -9.64 14.22 -0.68
C SER B 20 -9.54 13.90 0.79
N PHE B 21 -10.48 13.06 1.24
CA PHE B 21 -10.45 12.54 2.58
C PHE B 21 -10.83 11.04 2.54
N LYS B 22 -9.88 10.20 2.91
CA LYS B 22 -10.12 8.77 3.06
C LYS B 22 -10.11 8.45 4.53
N ALA B 23 -11.26 8.06 5.07
CA ALA B 23 -11.35 7.80 6.50
C ALA B 23 -10.65 6.50 6.89
N ASN B 24 -10.02 6.48 8.05
CA ASN B 24 -9.39 5.22 8.54
C ASN B 24 -10.39 4.25 9.12
N HIS B 25 -11.40 4.80 9.82
CA HIS B 25 -12.57 4.02 10.21
C HIS B 25 -13.84 4.66 9.62
N ALA B 26 -14.91 3.89 9.54
CA ALA B 26 -16.22 4.33 9.07
C ALA B 26 -16.58 5.80 9.31
N ILE B 27 -17.18 6.43 8.30
CA ILE B 27 -17.64 7.77 8.49
C ILE B 27 -18.87 7.74 9.38
N THR B 28 -18.86 8.53 10.48
CA THR B 28 -19.95 8.55 11.46
C THR B 28 -20.51 9.94 11.64
N GLU B 29 -19.79 10.94 11.18
CA GLU B 29 -20.41 12.26 11.16
C GLU B 29 -20.03 13.12 9.92
N ILE B 30 -20.97 13.95 9.47
CA ILE B 30 -20.71 14.92 8.41
C ILE B 30 -21.19 16.29 8.89
N VAL B 31 -20.37 17.33 8.67
CA VAL B 31 -20.73 18.67 9.11
C VAL B 31 -20.76 19.60 7.91
N ILE B 32 -21.90 20.22 7.65
CA ILE B 32 -21.99 21.16 6.55
C ILE B 32 -22.46 22.50 7.06
N HIS B 33 -22.07 23.55 6.35
CA HIS B 33 -22.56 24.85 6.62
C HIS B 33 -23.41 25.26 5.42
N VAL B 34 -24.69 25.56 5.67
CA VAL B 34 -25.61 25.86 4.59
C VAL B 34 -26.22 27.25 4.77
N LYS B 35 -26.25 28.02 3.68
CA LYS B 35 -27.12 29.17 3.60
C LYS B 35 -27.93 28.97 2.31
N ASP B 36 -27.37 29.29 1.15
CA ASP B 36 -28.07 28.92 -0.09
C ASP B 36 -27.41 27.78 -0.86
N ASN B 37 -26.09 27.87 -0.96
CA ASN B 37 -25.27 26.78 -1.35
C ASN B 37 -24.71 26.13 -0.08
N ILE B 38 -23.85 25.14 -0.28
CA ILE B 38 -23.18 24.45 0.83
C ILE B 38 -21.87 25.22 0.95
N LYS B 39 -21.70 25.90 2.07
CA LYS B 39 -20.56 26.79 2.21
C LYS B 39 -19.32 25.93 2.36
N SER B 40 -19.49 24.79 3.05
CA SER B 40 -18.37 23.97 3.51
C SER B 40 -18.81 22.60 4.06
N ILE B 41 -17.85 21.69 4.16
CA ILE B 41 -18.08 20.33 4.62
C ILE B 41 -16.81 19.83 5.34
N SER B 42 -17.02 18.95 6.32
CA SER B 42 -15.98 18.20 6.97
C SER B 42 -16.55 16.88 7.48
N PHE B 43 -15.69 15.99 7.95
CA PHE B 43 -16.13 14.66 8.34
C PHE B 43 -15.45 14.20 9.62
N LYS B 44 -16.00 13.13 10.19
CA LYS B 44 -15.54 12.57 11.44
C LYS B 44 -15.85 11.10 11.31
N ASP B 45 -14.89 10.26 11.68
CA ASP B 45 -15.02 8.81 11.55
C ASP B 45 -15.28 8.19 12.95
N ALA B 46 -15.44 6.86 13.05
CA ALA B 46 -15.82 6.25 14.35
C ALA B 46 -14.78 6.41 15.51
N SER B 47 -13.49 6.49 15.19
CA SER B 47 -12.48 6.75 16.21
C SER B 47 -12.42 8.19 16.71
N GLY B 48 -13.22 9.09 16.14
CA GLY B 48 -13.14 10.52 16.53
C GLY B 48 -12.22 11.39 15.66
N ASP B 49 -11.49 10.79 14.74
CA ASP B 49 -10.60 11.53 13.82
C ASP B 49 -11.40 12.47 12.93
N ILE B 50 -10.90 13.69 12.76
CA ILE B 50 -11.56 14.62 11.85
C ILE B 50 -10.79 14.84 10.54
N SER B 51 -11.53 15.25 9.52
CA SER B 51 -10.98 15.60 8.22
C SER B 51 -10.49 17.04 8.13
N GLY B 52 -10.95 17.92 8.99
CA GLY B 52 -10.66 19.34 8.63
C GLY B 52 -11.63 19.84 7.53
N THR B 53 -11.74 21.17 7.42
CA THR B 53 -12.88 21.78 6.73
C THR B 53 -12.59 22.13 5.27
N PHE B 54 -13.44 21.64 4.38
CA PHE B 54 -13.30 21.99 2.97
C PHE B 54 -14.35 23.02 2.59
N GLY B 55 -13.88 24.17 2.09
CA GLY B 55 -14.71 25.34 1.86
C GLY B 55 -14.79 26.29 3.05
N GLY B 56 -15.60 27.33 2.91
CA GLY B 56 -15.83 28.25 4.00
C GLY B 56 -14.72 29.27 4.20
N LYS B 57 -13.81 29.36 3.23
CA LYS B 57 -12.78 30.42 3.24
C LYS B 57 -13.34 31.81 2.85
N ASP B 58 -14.65 32.01 2.94
CA ASP B 58 -15.20 33.36 2.67
C ASP B 58 -15.06 34.33 3.86
N PRO B 59 -14.37 35.45 3.62
CA PRO B 59 -14.16 36.50 4.66
C PRO B 59 -15.44 37.31 4.93
N ARG B 60 -16.49 37.03 4.15
CA ARG B 60 -17.85 37.54 4.40
C ARG B 60 -18.55 36.78 5.52
N GLU B 61 -19.66 37.36 5.97
CA GLU B 61 -20.25 37.02 7.26
C GLU B 61 -21.61 36.38 7.14
N ASN B 62 -22.54 37.07 6.46
CA ASN B 62 -23.83 36.44 6.15
C ASN B 62 -23.53 35.38 5.05
N GLU B 63 -22.28 34.90 5.09
CA GLU B 63 -21.71 33.85 4.25
C GLU B 63 -21.21 32.67 5.10
N LYS B 64 -21.50 32.73 6.41
CA LYS B 64 -21.09 31.69 7.34
C LYS B 64 -21.92 30.43 7.15
N GLY B 65 -23.24 30.63 7.17
CA GLY B 65 -24.19 29.53 7.02
C GLY B 65 -24.44 28.81 8.33
N ASP B 66 -25.58 28.13 8.39
CA ASP B 66 -25.98 27.39 9.56
C ASP B 66 -25.27 26.04 9.54
N GLU B 67 -24.71 25.69 10.69
CA GLU B 67 -24.08 24.40 10.88
C GLU B 67 -25.13 23.30 11.00
N LYS B 68 -24.98 22.25 10.19
CA LYS B 68 -25.78 21.05 10.34
C LYS B 68 -24.87 19.84 10.49
N LYS B 69 -25.11 19.04 11.54
CA LYS B 69 -24.40 17.78 11.74
C LYS B 69 -25.28 16.62 11.30
N ILE B 70 -24.69 15.65 10.60
CA ILE B 70 -25.35 14.40 10.27
C ILE B 70 -24.62 13.23 10.94
N LYS B 71 -25.33 12.44 11.72
CA LYS B 71 -24.71 11.31 12.41
C LYS B 71 -25.00 10.03 11.62
N ILE B 72 -24.05 9.10 11.59
CA ILE B 72 -24.32 7.80 10.99
C ILE B 72 -24.17 6.85 12.17
N HIS B 73 -25.17 5.99 12.39
CA HIS B 73 -25.22 5.18 13.62
C HIS B 73 -24.55 3.83 13.37
N TRP B 74 -23.26 3.92 13.16
CA TRP B 74 -22.39 2.79 12.91
C TRP B 74 -22.29 1.93 14.16
N PRO B 75 -22.22 0.60 14.05
CA PRO B 75 -22.10 -0.12 12.78
C PRO B 75 -23.42 -0.63 12.15
N THR B 76 -24.57 -0.34 12.77
CA THR B 76 -25.84 -0.79 12.19
C THR B 76 -26.19 0.05 10.96
N GLU B 77 -25.79 1.31 10.98
CA GLU B 77 -25.97 2.16 9.83
C GLU B 77 -24.61 2.48 9.22
N TYR B 78 -24.54 2.44 7.89
CA TYR B 78 -23.34 2.89 7.14
C TYR B 78 -23.73 3.74 5.93
N LEU B 79 -22.92 4.75 5.62
CA LEU B 79 -23.05 5.55 4.40
C LEU B 79 -22.78 4.71 3.17
N LYS B 80 -23.67 4.84 2.19
CA LYS B 80 -23.54 4.06 0.94
C LYS B 80 -23.53 4.91 -0.34
N SER B 81 -24.05 6.14 -0.28
CA SER B 81 -24.17 6.97 -1.46
C SER B 81 -24.54 8.39 -1.11
N ILE B 82 -24.67 9.24 -2.12
CA ILE B 82 -25.13 10.63 -1.92
C ILE B 82 -25.94 11.09 -3.13
N SER B 83 -26.53 12.27 -2.99
CA SER B 83 -27.30 12.88 -4.07
C SER B 83 -27.27 14.35 -3.79
N GLY B 84 -27.70 15.15 -4.75
CA GLY B 84 -27.75 16.58 -4.51
C GLY B 84 -27.93 17.38 -5.77
N SER B 85 -27.46 18.62 -5.73
CA SER B 85 -27.50 19.48 -6.90
C SER B 85 -26.38 20.49 -6.86
N TYR B 86 -26.07 21.03 -8.04
CA TYR B 86 -25.10 22.08 -8.20
C TYR B 86 -25.65 23.10 -9.20
N GLY B 87 -25.27 24.35 -9.03
CA GLY B 87 -25.54 25.37 -10.04
C GLY B 87 -24.90 26.67 -9.59
N ASP B 88 -25.23 27.74 -10.31
CA ASP B 88 -24.67 29.07 -10.08
C ASP B 88 -24.93 29.62 -8.70
N TYR B 89 -23.89 30.21 -8.12
CA TYR B 89 -23.96 31.08 -6.94
C TYR B 89 -22.94 32.23 -7.08
N ASN B 90 -23.41 33.47 -7.24
CA ASN B 90 -22.50 34.62 -7.46
C ASN B 90 -21.54 34.40 -8.62
N GLY B 91 -22.02 33.68 -9.64
CA GLY B 91 -21.24 33.40 -10.86
C GLY B 91 -20.28 32.22 -10.84
N VAL B 92 -20.43 31.36 -9.82
CA VAL B 92 -19.59 30.18 -9.61
C VAL B 92 -20.51 28.93 -9.60
N LEU B 93 -20.07 27.87 -10.29
CA LEU B 93 -20.79 26.61 -10.34
C LEU B 93 -20.33 25.82 -9.11
N VAL B 94 -21.24 25.64 -8.14
CA VAL B 94 -20.91 25.11 -6.81
C VAL B 94 -21.98 24.09 -6.42
N ILE B 95 -21.74 23.32 -5.35
CA ILE B 95 -22.73 22.41 -4.81
C ILE B 95 -23.85 23.20 -4.13
N ARG B 96 -25.06 23.07 -4.63
CA ARG B 96 -26.17 23.85 -4.07
C ARG B 96 -26.94 23.09 -2.98
N SER B 97 -27.06 21.76 -3.14
CA SER B 97 -27.70 20.93 -2.10
C SER B 97 -27.11 19.51 -2.04
N LEU B 98 -27.31 18.86 -0.89
CA LEU B 98 -26.74 17.54 -0.61
C LEU B 98 -27.67 16.62 0.17
N SER B 99 -27.67 15.33 -0.15
CA SER B 99 -28.31 14.33 0.73
C SER B 99 -27.38 13.16 1.00
N PHE B 100 -27.55 12.51 2.14
CA PHE B 100 -26.64 11.45 2.53
C PHE B 100 -27.42 10.20 2.74
N ILE B 101 -27.01 9.18 1.99
CA ILE B 101 -27.78 7.96 1.82
C ILE B 101 -27.18 6.75 2.51
N THR B 102 -28.01 6.12 3.30
CA THR B 102 -27.55 5.16 4.26
C THR B 102 -28.30 3.90 3.94
N ASN B 103 -27.93 2.79 4.58
CA ASN B 103 -28.66 1.55 4.42
C ASN B 103 -30.10 1.61 4.99
N LEU B 104 -30.33 2.51 5.95
CA LEU B 104 -31.61 2.60 6.64
C LEU B 104 -32.45 3.78 6.16
N THR B 105 -31.81 4.83 5.64
CA THR B 105 -32.57 6.05 5.38
C THR B 105 -31.79 7.08 4.57
N THR B 106 -32.38 8.26 4.33
CA THR B 106 -31.72 9.39 3.66
C THR B 106 -31.76 10.65 4.53
N TYR B 107 -30.63 11.33 4.70
CA TYR B 107 -30.66 12.61 5.42
C TYR B 107 -30.54 13.78 4.43
N GLY B 108 -31.43 14.78 4.55
CA GLY B 108 -31.50 15.92 3.62
C GLY B 108 -32.80 15.98 2.85
N PRO B 109 -32.95 16.84 1.84
CA PRO B 109 -31.86 17.70 1.30
C PRO B 109 -31.47 18.87 2.20
N PHE B 110 -30.17 19.24 2.14
CA PHE B 110 -29.65 20.42 2.81
C PHE B 110 -29.29 21.37 1.69
N GLY B 111 -29.77 22.60 1.79
CA GLY B 111 -29.49 23.62 0.79
C GLY B 111 -30.61 23.79 -0.20
N SER B 112 -30.43 24.66 -1.19
CA SER B 112 -31.50 24.92 -2.15
C SER B 112 -31.62 23.89 -3.27
N THR B 113 -32.79 23.26 -3.36
CA THR B 113 -33.08 22.27 -4.43
C THR B 113 -33.42 23.03 -5.71
N SER B 114 -34.11 24.15 -5.51
CA SER B 114 -34.44 25.07 -6.58
C SER B 114 -33.19 25.74 -6.86
N GLY B 115 -32.73 25.21 -7.88
CA GLY B 115 -31.51 25.55 -8.38
C GLY B 115 -31.19 24.36 -9.21
N GLY B 116 -30.70 24.75 -10.31
CA GLY B 116 -30.24 23.97 -11.41
C GLY B 116 -30.40 22.46 -11.44
N GLU B 117 -29.22 21.92 -11.73
CA GLU B 117 -28.86 20.52 -12.00
C GLU B 117 -28.74 19.60 -10.81
N SER B 118 -29.57 18.57 -10.76
CA SER B 118 -29.41 17.59 -9.69
C SER B 118 -28.60 16.40 -10.16
N PHE B 119 -28.04 15.65 -9.23
CA PHE B 119 -27.31 14.49 -9.60
C PHE B 119 -27.72 13.35 -8.69
N SER B 120 -27.63 12.12 -9.17
CA SER B 120 -27.89 10.94 -8.36
C SER B 120 -27.01 9.81 -8.87
N ILE B 121 -26.77 8.80 -8.04
CA ILE B 121 -25.88 7.73 -8.42
C ILE B 121 -26.60 6.38 -8.40
N PRO B 122 -26.77 5.72 -9.55
CA PRO B 122 -27.49 4.43 -9.58
C PRO B 122 -26.48 3.37 -9.19
N ILE B 123 -26.07 3.43 -7.94
CA ILE B 123 -25.05 2.56 -7.36
C ILE B 123 -25.69 1.47 -6.49
N ALA B 124 -25.02 0.35 -6.29
CA ALA B 124 -25.43 -0.58 -5.26
C ALA B 124 -24.25 -1.43 -4.72
N ASP B 125 -24.40 -1.96 -3.50
CA ASP B 125 -23.39 -2.78 -2.87
C ASP B 125 -22.13 -1.98 -2.53
N SER B 126 -22.33 -0.70 -2.27
CA SER B 126 -21.24 0.19 -1.93
C SER B 126 -21.26 0.63 -0.47
N VAL B 127 -20.07 0.92 0.05
CA VAL B 127 -19.89 1.62 1.32
C VAL B 127 -19.06 2.85 0.97
N VAL B 128 -19.49 4.02 1.43
CA VAL B 128 -18.70 5.22 1.30
C VAL B 128 -17.62 5.24 2.39
N VAL B 129 -16.35 5.15 1.96
CA VAL B 129 -15.20 5.18 2.86
C VAL B 129 -14.45 6.51 2.74
N GLY B 130 -14.98 7.44 1.96
CA GLY B 130 -14.29 8.71 1.87
C GLY B 130 -15.02 9.65 0.96
N PHE B 131 -14.60 10.90 0.98
CA PHE B 131 -15.09 11.86 0.01
C PHE B 131 -13.93 12.52 -0.70
N HIS B 132 -14.25 13.17 -1.80
CA HIS B 132 -13.33 14.13 -2.42
C HIS B 132 -14.14 15.23 -3.09
N GLY B 133 -13.49 16.28 -3.51
CA GLY B 133 -14.21 17.36 -4.16
C GLY B 133 -13.30 18.46 -4.59
N ARG B 134 -13.87 19.66 -4.73
CA ARG B 134 -13.08 20.86 -4.93
C ARG B 134 -13.64 21.94 -4.03
N ALA B 135 -12.76 22.79 -3.51
CA ALA B 135 -13.17 23.82 -2.57
C ALA B 135 -12.28 25.04 -2.67
N GLY B 136 -12.89 26.20 -2.42
CA GLY B 136 -12.18 27.48 -2.29
C GLY B 136 -12.96 28.27 -1.24
N TYR B 137 -13.56 29.37 -1.66
CA TYR B 137 -14.54 30.06 -0.85
C TYR B 137 -15.67 29.14 -0.49
N TYR B 138 -16.11 28.35 -1.44
CA TYR B 138 -17.27 27.51 -1.28
C TYR B 138 -16.94 26.06 -1.56
N LEU B 139 -17.95 25.20 -1.54
CA LEU B 139 -17.78 23.82 -1.96
C LEU B 139 -18.15 23.68 -3.46
N ASP B 140 -17.15 23.85 -4.32
CA ASP B 140 -17.31 23.72 -5.77
C ASP B 140 -17.85 22.36 -6.23
N ALA B 141 -17.42 21.29 -5.59
CA ALA B 141 -17.76 20.00 -6.11
C ALA B 141 -17.60 18.93 -5.06
N LEU B 142 -18.35 17.85 -5.18
CA LEU B 142 -18.22 16.70 -4.26
C LEU B 142 -18.45 15.40 -4.96
N GLY B 143 -17.65 14.41 -4.55
CA GLY B 143 -17.78 13.03 -4.97
C GLY B 143 -17.46 12.14 -3.77
N ILE B 144 -17.49 10.83 -3.94
CA ILE B 144 -17.30 9.91 -2.81
C ILE B 144 -16.26 8.88 -3.23
N PHE B 145 -15.60 8.24 -2.25
CA PHE B 145 -14.87 7.01 -2.52
C PHE B 145 -15.70 5.83 -1.98
N VAL B 146 -15.69 4.71 -2.69
CA VAL B 146 -16.47 3.57 -2.30
C VAL B 146 -15.71 2.26 -2.37
N GLN B 147 -16.14 1.32 -1.53
CA GLN B 147 -15.68 -0.03 -1.52
C GLN B 147 -16.92 -0.91 -1.54
N PRO B 148 -16.78 -2.16 -1.96
CA PRO B 148 -17.88 -3.10 -1.86
C PRO B 148 -18.27 -3.41 -0.40
N VAL B 149 -19.56 -3.68 -0.16
CA VAL B 149 -19.98 -4.24 1.11
C VAL B 149 -19.24 -5.58 1.24
N PRO B 150 -19.10 -6.15 2.44
CA PRO B 150 -18.55 -7.51 2.56
C PRO B 150 -19.25 -8.51 1.62
N HIS B 151 -18.46 -9.34 0.94
CA HIS B 151 -18.98 -10.34 -0.02
C HIS B 151 -19.67 -9.78 -1.28
N GLY B 152 -19.71 -8.46 -1.43
CA GLY B 152 -20.44 -7.87 -2.53
C GLY B 152 -19.61 -7.38 -3.68
N THR B 153 -20.27 -6.89 -4.73
CA THR B 153 -19.55 -6.28 -5.83
C THR B 153 -20.23 -4.97 -6.19
N ILE B 154 -19.45 -3.89 -6.22
CA ILE B 154 -20.04 -2.60 -6.59
C ILE B 154 -20.70 -2.72 -7.95
N SER B 155 -21.92 -2.23 -8.05
CA SER B 155 -22.62 -2.18 -9.31
C SER B 155 -23.07 -0.74 -9.67
N PHE B 156 -23.20 -0.47 -10.96
CA PHE B 156 -23.73 0.83 -11.44
C PHE B 156 -24.75 0.61 -12.57
N GLY B 157 -25.77 1.46 -12.65
CA GLY B 157 -26.89 1.24 -13.54
C GLY B 157 -27.92 0.25 -12.97
N PRO B 158 -28.69 -0.42 -13.84
CA PRO B 158 -28.55 -0.33 -15.30
C PRO B 158 -29.19 0.94 -15.86
N TRP B 159 -28.82 1.34 -17.07
CA TRP B 159 -29.49 2.42 -17.78
C TRP B 159 -30.18 1.84 -19.00
N GLY B 160 -31.29 2.45 -19.39
CA GLY B 160 -32.07 2.00 -20.53
C GLY B 160 -33.55 2.02 -20.19
N GLY B 161 -34.33 1.27 -20.97
CA GLY B 161 -35.76 1.13 -20.78
C GLY B 161 -36.10 0.04 -19.81
N PRO B 162 -37.37 -0.07 -19.46
CA PRO B 162 -37.83 -0.96 -18.38
C PRO B 162 -38.22 -2.41 -18.81
N ALA B 163 -38.38 -2.67 -20.10
CA ALA B 163 -38.82 -4.02 -20.53
C ALA B 163 -37.66 -4.99 -20.82
N GLY B 164 -37.96 -6.05 -21.58
CA GLY B 164 -36.99 -7.10 -21.94
C GLY B 164 -37.54 -8.48 -21.57
N ASP B 165 -37.28 -9.51 -22.36
CA ASP B 165 -37.76 -10.86 -22.00
C ASP B 165 -36.64 -11.64 -21.30
N ASP B 166 -35.41 -11.25 -21.55
CA ASP B 166 -34.29 -11.98 -21.01
C ASP B 166 -33.54 -11.10 -20.08
N ALA B 167 -32.81 -11.72 -19.19
CA ALA B 167 -32.05 -10.99 -18.25
C ALA B 167 -30.65 -11.58 -18.19
N PHE B 168 -29.67 -10.73 -17.89
CA PHE B 168 -28.30 -11.21 -17.74
C PHE B 168 -27.64 -10.58 -16.52
N ASN B 169 -26.60 -11.24 -16.03
CA ASN B 169 -25.93 -10.91 -14.74
C ASN B 169 -24.69 -11.79 -14.53
N PHE B 170 -23.51 -11.33 -14.92
CA PHE B 170 -22.30 -12.14 -14.75
C PHE B 170 -21.11 -11.32 -14.30
N LYS B 171 -20.15 -12.02 -13.69
CA LYS B 171 -18.88 -11.42 -13.33
C LYS B 171 -17.75 -12.32 -13.82
N VAL B 172 -16.60 -11.73 -14.12
CA VAL B 172 -15.43 -12.49 -14.59
C VAL B 172 -14.29 -12.44 -13.57
N GLY B 173 -13.41 -13.44 -13.63
CA GLY B 173 -12.19 -13.43 -12.82
C GLY B 173 -10.88 -13.04 -13.52
N SER B 174 -10.98 -12.44 -14.68
CA SER B 174 -9.84 -11.88 -15.34
C SER B 174 -10.23 -10.44 -15.70
N TRP B 175 -10.66 -10.19 -16.94
CA TRP B 175 -11.10 -8.85 -17.32
C TRP B 175 -11.81 -8.99 -18.65
N ILE B 176 -12.48 -7.94 -19.12
CA ILE B 176 -13.09 -7.97 -20.44
C ILE B 176 -12.05 -7.70 -21.55
N LYS B 177 -11.83 -8.67 -22.43
CA LYS B 177 -10.93 -8.54 -23.58
C LYS B 177 -11.66 -8.18 -24.85
N ASP B 178 -12.86 -8.72 -25.03
CA ASP B 178 -13.63 -8.48 -26.27
C ASP B 178 -15.07 -8.11 -25.99
N ILE B 179 -15.59 -7.24 -26.84
CA ILE B 179 -16.95 -6.78 -26.76
C ILE B 179 -17.46 -6.88 -28.18
N ILE B 180 -18.52 -7.64 -28.40
CA ILE B 180 -19.12 -7.78 -29.72
C ILE B 180 -20.52 -7.12 -29.72
N ILE B 181 -20.69 -6.10 -30.57
CA ILE B 181 -21.91 -5.30 -30.60
C ILE B 181 -22.56 -5.43 -31.99
N TYR B 182 -23.84 -5.75 -32.04
CA TYR B 182 -24.56 -5.56 -33.30
C TYR B 182 -25.41 -4.30 -33.14
N ALA B 183 -25.29 -3.36 -34.08
CA ALA B 183 -25.93 -2.06 -33.97
C ALA B 183 -26.16 -1.44 -35.33
N ASP B 184 -27.20 -0.63 -35.45
CA ASP B 184 -27.42 0.21 -36.61
C ASP B 184 -27.85 1.60 -36.14
N ALA B 185 -29.08 1.73 -35.67
CA ALA B 185 -29.54 2.97 -35.05
C ALA B 185 -29.67 2.78 -33.55
N ALA B 186 -29.91 1.53 -33.13
CA ALA B 186 -29.94 1.15 -31.73
C ALA B 186 -28.90 0.07 -31.55
N ILE B 187 -28.70 -0.38 -30.30
CA ILE B 187 -27.90 -1.56 -30.00
C ILE B 187 -28.81 -2.80 -30.02
N ASN B 188 -28.61 -3.63 -31.03
CA ASN B 188 -29.39 -4.83 -31.22
C ASN B 188 -29.00 -5.93 -30.25
N SER B 189 -27.71 -6.14 -30.06
CA SER B 189 -27.25 -7.17 -29.15
C SER B 189 -25.83 -6.85 -28.70
N ILE B 190 -25.40 -7.51 -27.62
CA ILE B 190 -24.06 -7.31 -27.10
C ILE B 190 -23.57 -8.64 -26.55
N ALA B 191 -22.26 -8.87 -26.70
CA ALA B 191 -21.61 -10.03 -26.15
C ALA B 191 -20.18 -9.65 -25.71
N PHE B 192 -19.61 -10.48 -24.83
CA PHE B 192 -18.32 -10.22 -24.25
C PHE B 192 -17.47 -11.47 -24.14
N LYS B 193 -16.16 -11.29 -24.28
CA LYS B 193 -15.25 -12.38 -23.98
C LYS B 193 -14.30 -11.99 -22.88
N ASP B 194 -14.17 -12.90 -21.91
CA ASP B 194 -13.02 -13.06 -20.99
C ASP B 194 -11.64 -12.80 -21.58
N ALA B 195 -10.65 -12.68 -20.70
CA ALA B 195 -9.26 -12.80 -21.12
C ALA B 195 -8.98 -14.25 -21.53
N ASN B 196 -9.68 -15.19 -20.91
CA ASN B 196 -9.59 -16.63 -21.21
C ASN B 196 -10.29 -17.11 -22.47
N GLY B 197 -10.87 -16.18 -23.23
CA GLY B 197 -11.73 -16.59 -24.36
C GLY B 197 -13.12 -17.16 -24.02
N HIS B 198 -13.48 -17.30 -22.76
CA HIS B 198 -14.82 -17.75 -22.40
C HIS B 198 -15.80 -16.64 -22.85
N CYS B 199 -16.97 -17.05 -23.43
CA CYS B 199 -17.90 -16.10 -24.05
C CYS B 199 -19.09 -15.79 -23.15
N TYR B 200 -19.55 -14.55 -23.14
CA TYR B 200 -20.73 -14.21 -22.34
C TYR B 200 -21.91 -13.75 -23.16
N GLY B 201 -22.81 -14.71 -23.29
CA GLY B 201 -24.12 -14.61 -23.89
C GLY B 201 -24.17 -14.49 -25.38
N LYS B 202 -25.32 -14.05 -25.88
CA LYS B 202 -25.37 -12.97 -26.83
C LYS B 202 -26.69 -12.48 -26.20
N PHE B 203 -26.73 -11.21 -25.80
CA PHE B 203 -27.94 -10.68 -25.18
C PHE B 203 -28.55 -9.75 -26.20
N GLY B 204 -29.78 -10.05 -26.58
CA GLY B 204 -30.39 -9.24 -27.63
C GLY B 204 -30.34 -10.02 -28.93
N GLY B 205 -30.56 -9.31 -30.07
CA GLY B 205 -30.56 -9.87 -31.44
C GLY B 205 -31.64 -10.91 -31.72
N GLN B 206 -32.81 -10.72 -31.13
CA GLN B 206 -33.89 -11.71 -31.31
C GLN B 206 -34.93 -11.27 -32.31
N ASP B 207 -34.86 -10.03 -32.76
CA ASP B 207 -35.76 -9.60 -33.81
C ASP B 207 -35.31 -10.49 -34.99
N PRO B 208 -36.28 -11.18 -35.56
CA PRO B 208 -35.98 -12.02 -36.73
C PRO B 208 -35.76 -11.20 -38.02
N ASN B 209 -36.24 -9.94 -38.01
CA ASN B 209 -36.11 -9.03 -39.16
C ASN B 209 -35.08 -7.94 -39.02
N ASP B 210 -34.29 -7.95 -37.93
CA ASP B 210 -33.46 -6.79 -37.57
C ASP B 210 -32.41 -7.11 -36.51
N ILE B 211 -31.32 -7.75 -36.92
CA ILE B 211 -30.27 -8.13 -35.99
C ILE B 211 -29.07 -7.14 -35.88
N GLY B 212 -29.00 -6.15 -36.78
CA GLY B 212 -27.86 -5.20 -36.82
C GLY B 212 -26.54 -5.68 -37.41
N VAL B 213 -25.60 -4.75 -37.60
CA VAL B 213 -24.29 -5.04 -38.21
C VAL B 213 -23.28 -5.26 -37.10
N GLU B 214 -22.43 -6.27 -37.20
CA GLU B 214 -21.49 -6.58 -36.11
C GLU B 214 -20.34 -5.58 -36.06
N LYS B 215 -19.91 -5.21 -34.86
CA LYS B 215 -18.69 -4.41 -34.68
C LYS B 215 -17.93 -4.99 -33.50
N LYS B 216 -16.60 -4.99 -33.55
CA LYS B 216 -15.81 -5.49 -32.42
C LYS B 216 -14.92 -4.44 -31.79
N VAL B 217 -14.78 -4.55 -30.47
CA VAL B 217 -13.82 -3.81 -29.71
C VAL B 217 -12.85 -4.83 -29.14
N GLU B 218 -11.56 -4.63 -29.39
CA GLU B 218 -10.54 -5.44 -28.75
C GLU B 218 -9.73 -4.62 -27.76
N ILE B 219 -9.65 -5.13 -26.55
CA ILE B 219 -8.86 -4.50 -25.53
C ILE B 219 -7.56 -5.28 -25.39
N ASP B 220 -6.43 -4.59 -25.58
CA ASP B 220 -5.10 -5.15 -25.33
C ASP B 220 -4.86 -5.11 -23.82
N GLY B 221 -5.02 -6.25 -23.16
CA GLY B 221 -4.89 -6.33 -21.69
C GLY B 221 -3.51 -6.03 -21.11
N ASN B 222 -2.59 -5.59 -21.99
CA ASN B 222 -1.23 -5.27 -21.56
C ASN B 222 -1.06 -3.72 -21.52
N LEU B 223 -1.75 -2.95 -22.39
CA LEU B 223 -1.66 -1.47 -22.43
C LEU B 223 -3.02 -0.79 -22.10
N GLU B 224 -4.04 -1.58 -21.74
CA GLU B 224 -5.39 -1.06 -21.56
C GLU B 224 -6.33 -1.90 -20.73
N HIS B 225 -7.30 -1.30 -20.04
CA HIS B 225 -8.31 -2.06 -19.29
C HIS B 225 -9.65 -1.29 -19.27
N LEU B 226 -10.77 -2.01 -19.20
CA LEU B 226 -12.08 -1.37 -19.25
C LEU B 226 -12.39 -0.76 -17.89
N LYS B 227 -12.84 0.49 -17.92
CA LYS B 227 -12.95 1.31 -16.71
C LYS B 227 -14.41 1.65 -16.44
N SER B 228 -15.15 1.89 -17.53
CA SER B 228 -16.47 2.45 -17.42
C SER B 228 -17.15 2.34 -18.78
N ILE B 229 -18.44 2.67 -18.83
CA ILE B 229 -19.21 2.83 -20.07
C ILE B 229 -20.04 4.13 -20.06
N SER B 230 -20.54 4.52 -21.22
CA SER B 230 -21.47 5.64 -21.33
C SER B 230 -22.30 5.32 -22.55
N GLY B 231 -23.25 6.16 -22.92
CA GLY B 231 -24.15 5.84 -24.02
C GLY B 231 -25.42 6.67 -24.01
N THR B 232 -26.42 6.21 -24.76
CA THR B 232 -27.75 6.84 -24.74
C THR B 232 -28.84 5.75 -24.74
N TYR B 233 -30.04 6.14 -24.35
CA TYR B 233 -31.20 5.27 -24.47
C TYR B 233 -32.41 6.10 -24.77
N GLY B 234 -33.37 5.51 -25.47
CA GLY B 234 -34.53 6.21 -25.98
C GLY B 234 -35.27 5.29 -26.95
N ASN B 235 -36.25 5.85 -27.63
CA ASN B 235 -37.14 5.08 -28.49
C ASN B 235 -36.46 4.45 -29.70
N TYR B 236 -36.75 3.18 -29.96
CA TYR B 236 -36.40 2.52 -31.21
C TYR B 236 -37.51 1.60 -31.62
N LYS B 237 -38.22 1.97 -32.70
CA LYS B 237 -39.40 1.26 -33.16
C LYS B 237 -40.41 0.92 -32.06
N GLY B 238 -40.68 1.84 -31.14
CA GLY B 238 -41.67 1.60 -30.08
C GLY B 238 -41.20 0.71 -28.92
N PHE B 239 -39.89 0.52 -28.80
CA PHE B 239 -39.26 -0.09 -27.64
C PHE B 239 -38.42 1.04 -27.00
N GLU B 240 -38.33 1.11 -25.67
CA GLU B 240 -37.33 1.95 -25.05
C GLU B 240 -36.05 1.11 -24.81
N VAL B 241 -34.99 1.41 -25.55
CA VAL B 241 -33.76 0.60 -25.50
C VAL B 241 -32.52 1.46 -25.52
N VAL B 242 -31.38 0.81 -25.27
CA VAL B 242 -30.04 1.44 -25.41
C VAL B 242 -29.79 1.68 -26.89
N THR B 243 -29.57 2.95 -27.25
CA THR B 243 -29.35 3.37 -28.65
C THR B 243 -27.88 3.54 -29.02
N SER B 244 -27.03 3.86 -28.06
CA SER B 244 -25.57 3.88 -28.28
C SER B 244 -24.78 3.55 -27.04
N LEU B 245 -23.60 2.98 -27.25
CA LEU B 245 -22.68 2.67 -26.16
C LEU B 245 -21.27 3.07 -26.56
N SER B 246 -20.50 3.52 -25.56
CA SER B 246 -19.04 3.62 -25.72
C SER B 246 -18.40 2.94 -24.53
N PHE B 247 -17.15 2.55 -24.73
CA PHE B 247 -16.44 1.73 -23.80
C PHE B 247 -15.17 2.48 -23.42
N ILE B 248 -15.11 2.85 -22.14
CA ILE B 248 -14.09 3.74 -21.63
C ILE B 248 -12.97 2.96 -20.92
N THR B 249 -11.75 3.14 -21.40
CA THR B 249 -10.57 2.55 -20.76
C THR B 249 -9.69 3.66 -20.17
N ASN B 250 -8.63 3.25 -19.48
CA ASN B 250 -7.62 4.18 -18.97
C ASN B 250 -6.92 4.99 -20.06
N VAL B 251 -6.81 4.44 -21.28
CA VAL B 251 -6.29 5.23 -22.40
C VAL B 251 -7.42 5.96 -23.12
N THR B 252 -8.21 5.21 -23.94
CA THR B 252 -9.07 5.83 -24.92
C THR B 252 -10.53 5.46 -24.69
N LYS B 253 -11.39 5.92 -25.63
CA LYS B 253 -12.82 5.72 -25.56
C LYS B 253 -13.19 5.08 -26.86
N HIS B 254 -13.70 3.85 -26.79
CA HIS B 254 -14.04 3.10 -28.01
C HIS B 254 -15.51 3.28 -28.32
N GLY B 255 -15.83 3.87 -29.47
CA GLY B 255 -17.24 4.09 -29.88
C GLY B 255 -17.46 5.55 -30.23
N PRO B 256 -18.70 6.01 -30.43
CA PRO B 256 -19.95 5.27 -30.13
C PRO B 256 -20.40 4.25 -31.18
N PHE B 257 -21.03 3.18 -30.71
CA PHE B 257 -21.70 2.23 -31.57
C PHE B 257 -23.19 2.51 -31.49
N GLY B 258 -23.91 2.28 -32.58
CA GLY B 258 -25.28 2.74 -32.67
C GLY B 258 -25.23 4.23 -32.86
N ILE B 259 -26.36 4.90 -32.68
CA ILE B 259 -26.42 6.32 -32.87
C ILE B 259 -26.94 6.93 -31.58
N ALA B 260 -26.28 7.99 -31.14
CA ALA B 260 -26.68 8.77 -29.98
C ALA B 260 -28.03 9.43 -30.20
N SER B 261 -29.06 8.90 -29.55
CA SER B 261 -30.40 9.49 -29.55
C SER B 261 -31.07 9.26 -28.18
N GLY B 262 -32.02 10.11 -27.82
CA GLY B 262 -32.75 9.99 -26.54
C GLY B 262 -31.96 10.57 -25.37
N THR B 263 -31.80 9.83 -24.29
CA THR B 263 -31.16 10.34 -23.09
C THR B 263 -29.77 9.77 -22.93
N SER B 264 -28.79 10.60 -22.62
CA SER B 264 -27.47 10.06 -22.39
C SER B 264 -27.21 9.68 -20.94
N PHE B 265 -26.28 8.77 -20.75
CA PHE B 265 -25.90 8.36 -19.42
C PHE B 265 -24.38 8.18 -19.43
N SER B 266 -23.80 8.32 -18.27
CA SER B 266 -22.39 8.15 -18.04
C SER B 266 -22.25 7.96 -16.52
N ILE B 267 -21.10 7.46 -16.09
CA ILE B 267 -20.80 7.31 -14.69
C ILE B 267 -19.33 7.68 -14.53
N PRO B 268 -19.10 8.83 -13.91
CA PRO B 268 -17.74 9.36 -13.66
C PRO B 268 -17.00 8.58 -12.56
N ILE B 269 -16.29 7.52 -12.93
CA ILE B 269 -15.52 6.75 -11.96
C ILE B 269 -14.06 6.69 -12.35
N GLU B 270 -13.21 6.54 -11.36
CA GLU B 270 -11.80 6.32 -11.60
C GLU B 270 -11.40 5.21 -10.64
N GLY B 271 -10.27 4.56 -10.90
CA GLY B 271 -9.78 3.51 -10.04
C GLY B 271 -10.50 2.18 -10.20
N SER B 272 -11.35 2.08 -11.21
CA SER B 272 -12.22 0.91 -11.37
C SER B 272 -11.80 0.00 -12.48
N LEU B 273 -11.95 -1.29 -12.25
CA LEU B 273 -11.87 -2.27 -13.32
C LEU B 273 -13.27 -2.83 -13.53
N VAL B 274 -13.81 -2.69 -14.76
CA VAL B 274 -15.09 -3.33 -15.08
C VAL B 274 -14.94 -4.85 -15.00
N THR B 275 -15.75 -5.52 -14.18
CA THR B 275 -15.65 -7.01 -14.07
C THR B 275 -16.90 -7.79 -14.45
N GLY B 276 -17.89 -7.10 -15.01
CA GLY B 276 -19.08 -7.77 -15.47
C GLY B 276 -20.14 -6.83 -15.93
N PHE B 277 -21.31 -7.39 -16.20
CA PHE B 277 -22.42 -6.66 -16.73
C PHE B 277 -23.72 -7.31 -16.27
N HIS B 278 -24.75 -6.49 -16.18
CA HIS B 278 -26.08 -6.97 -15.90
C HIS B 278 -27.04 -6.12 -16.72
N GLY B 279 -28.23 -6.64 -16.95
CA GLY B 279 -29.27 -5.92 -17.66
C GLY B 279 -30.36 -6.83 -18.17
N LYS B 280 -31.12 -6.30 -19.11
CA LYS B 280 -32.25 -6.95 -19.72
C LYS B 280 -32.19 -6.75 -21.25
N SER B 281 -32.78 -7.67 -22.00
CA SER B 281 -32.64 -7.70 -23.46
C SER B 281 -33.77 -8.52 -24.02
N GLY B 282 -34.02 -8.41 -25.32
CA GLY B 282 -35.04 -9.20 -26.00
C GLY B 282 -34.74 -9.11 -27.48
N TYR B 283 -35.59 -8.46 -28.26
CA TYR B 283 -35.25 -8.10 -29.65
C TYR B 283 -33.96 -7.28 -29.68
N TYR B 284 -33.87 -6.33 -28.77
CA TYR B 284 -32.73 -5.43 -28.68
C TYR B 284 -32.13 -5.47 -27.29
N LEU B 285 -31.11 -4.64 -27.04
CA LEU B 285 -30.60 -4.45 -25.70
C LEU B 285 -31.45 -3.41 -24.95
N ASP B 286 -32.39 -3.82 -24.10
CA ASP B 286 -33.24 -2.85 -23.32
C ASP B 286 -32.51 -1.97 -22.31
N SER B 287 -31.62 -2.60 -21.56
CA SER B 287 -30.94 -1.90 -20.47
C SER B 287 -29.58 -2.55 -20.20
N ILE B 288 -28.62 -1.74 -19.78
CA ILE B 288 -27.32 -2.31 -19.42
C ILE B 288 -26.71 -1.59 -18.23
N GLY B 289 -26.04 -2.34 -17.36
CA GLY B 289 -25.30 -1.77 -16.25
C GLY B 289 -24.00 -2.52 -16.07
N ILE B 290 -23.11 -2.03 -15.20
CA ILE B 290 -21.78 -2.65 -15.02
C ILE B 290 -21.53 -3.10 -13.58
N TYR B 291 -20.58 -4.02 -13.44
CA TYR B 291 -19.99 -4.36 -12.15
C TYR B 291 -18.57 -3.87 -12.19
N VAL B 292 -18.09 -3.36 -11.07
CA VAL B 292 -16.72 -2.87 -11.05
C VAL B 292 -16.08 -3.31 -9.80
N LYS B 293 -14.76 -3.31 -9.84
CA LYS B 293 -13.89 -3.74 -8.75
C LYS B 293 -12.77 -2.69 -8.74
N PRO B 294 -12.25 -2.29 -7.57
CA PRO B 294 -11.08 -1.41 -7.54
C PRO B 294 -9.84 -2.04 -8.22
N ARG B 295 -9.28 -1.40 -9.25
CA ARG B 295 -7.92 -1.72 -9.73
C ARG B 295 -6.92 -1.54 -8.58
N ASP B 296 -6.22 -2.60 -8.17
CA ASP B 296 -5.44 -2.56 -6.90
C ASP B 296 -4.18 -1.63 -6.84
N VAL B 297 -4.46 -0.72 -5.47
CA VAL B 297 -3.29 0.14 -5.46
C VAL B 297 -2.13 -0.71 -4.97
N GLU B 298 -2.41 -1.97 -4.72
CA GLU B 298 -1.43 -2.93 -4.25
C GLU B 298 -1.04 -3.76 -5.47
N GLY B 299 0.08 -4.07 -5.80
CA GLY B 299 0.26 -4.90 -7.01
C GLY B 299 0.24 -6.41 -6.70
N SER B 300 0.37 -7.27 -7.71
CA SER B 300 0.37 -8.72 -7.44
C SER B 300 1.46 -9.56 -8.13
N ILE B 301 2.21 -10.28 -7.33
CA ILE B 301 3.31 -11.04 -7.86
C ILE B 301 2.87 -12.35 -8.48
N SER B 302 3.46 -12.65 -9.62
CA SER B 302 3.16 -13.88 -10.32
C SER B 302 4.30 -14.88 -10.15
N ILE B 303 3.98 -16.14 -9.88
CA ILE B 303 4.99 -17.19 -9.83
C ILE B 303 4.56 -18.34 -10.71
N GLY B 304 5.43 -18.75 -11.65
CA GLY B 304 5.10 -19.86 -12.55
C GLY B 304 4.67 -19.31 -13.89
N PRO B 305 4.05 -20.13 -14.73
CA PRO B 305 3.57 -21.48 -14.39
C PRO B 305 4.58 -22.63 -14.65
N TRP B 306 4.30 -23.80 -14.08
CA TRP B 306 5.14 -24.98 -14.28
C TRP B 306 4.31 -25.94 -15.08
N GLY B 307 4.97 -26.72 -15.93
CA GLY B 307 4.31 -27.76 -16.71
C GLY B 307 4.51 -27.57 -18.20
N GLY B 308 3.72 -28.32 -18.97
CA GLY B 308 3.87 -28.36 -20.43
C GLY B 308 3.54 -27.03 -21.09
N SER B 309 3.88 -26.91 -22.36
CA SER B 309 3.64 -25.67 -23.11
C SER B 309 2.30 -25.67 -23.89
N GLY B 310 1.72 -26.87 -24.05
CA GLY B 310 0.48 -26.99 -24.80
C GLY B 310 -0.66 -26.30 -24.08
N GLY B 311 -1.66 -25.84 -24.83
CA GLY B 311 -2.94 -25.46 -24.23
C GLY B 311 -3.22 -23.99 -24.33
N ASP B 312 -4.34 -23.57 -23.75
CA ASP B 312 -4.75 -22.18 -23.84
C ASP B 312 -4.60 -21.46 -22.51
N PRO B 313 -4.04 -20.25 -22.54
CA PRO B 313 -3.80 -19.50 -21.30
C PRO B 313 -5.13 -19.15 -20.63
N TRP B 314 -5.10 -19.10 -19.31
CA TRP B 314 -6.23 -18.70 -18.48
C TRP B 314 -5.66 -18.11 -17.20
N SER B 315 -6.45 -17.21 -16.59
CA SER B 315 -6.12 -16.69 -15.27
C SER B 315 -7.43 -16.55 -14.47
N TYR B 316 -7.29 -16.58 -13.14
CA TYR B 316 -8.39 -16.40 -12.25
C TYR B 316 -7.90 -15.69 -11.00
N THR B 317 -8.52 -14.53 -10.73
CA THR B 317 -8.22 -13.69 -9.62
C THR B 317 -9.48 -13.40 -8.83
N ALA B 318 -9.42 -13.75 -7.59
CA ALA B 318 -10.52 -13.59 -6.68
C ALA B 318 -10.95 -12.15 -6.38
N ASN B 319 -12.26 -11.94 -6.36
CA ASN B 319 -12.83 -10.62 -6.08
C ASN B 319 -12.66 -10.21 -4.61
N GLU B 320 -12.73 -11.20 -3.72
CA GLU B 320 -12.56 -10.96 -2.28
C GLU B 320 -11.51 -11.91 -1.70
N GLY B 321 -11.73 -13.21 -1.86
CA GLY B 321 -10.82 -14.24 -1.35
C GLY B 321 -11.29 -15.65 -1.69
N ILE B 322 -10.37 -16.48 -2.22
CA ILE B 322 -10.65 -17.88 -2.63
C ILE B 322 -11.30 -18.66 -1.49
N ASN B 323 -12.37 -19.35 -1.83
CA ASN B 323 -13.26 -20.06 -0.91
C ASN B 323 -13.29 -21.55 -1.12
N GLN B 324 -13.13 -21.93 -2.38
CA GLN B 324 -13.31 -23.28 -2.77
C GLN B 324 -12.66 -23.63 -4.13
N ILE B 325 -12.17 -24.89 -4.25
CA ILE B 325 -11.51 -25.41 -5.47
C ILE B 325 -12.12 -26.76 -5.89
N ILE B 326 -12.36 -26.94 -7.22
CA ILE B 326 -12.88 -28.20 -7.79
C ILE B 326 -11.88 -28.78 -8.81
N ILE B 327 -11.42 -30.00 -8.56
CA ILE B 327 -10.43 -30.71 -9.41
C ILE B 327 -10.91 -32.07 -9.80
N TYR B 328 -10.67 -32.42 -10.98
CA TYR B 328 -11.14 -33.69 -11.27
C TYR B 328 -9.97 -34.55 -11.61
N ALA B 329 -8.94 -34.67 -10.80
CA ALA B 329 -7.85 -35.53 -11.27
C ALA B 329 -7.79 -36.95 -10.66
N GLY B 330 -7.66 -37.91 -11.59
CA GLY B 330 -7.52 -39.33 -11.39
C GLY B 330 -6.05 -39.77 -11.57
N SER B 331 -5.56 -39.91 -12.81
CA SER B 331 -4.19 -40.37 -13.19
C SER B 331 -3.39 -39.18 -13.63
N ASN B 332 -4.02 -38.08 -13.30
CA ASN B 332 -3.45 -36.77 -13.45
C ASN B 332 -4.46 -35.67 -13.16
N ILE B 333 -4.86 -34.95 -14.22
CA ILE B 333 -5.62 -33.73 -14.02
C ILE B 333 -6.36 -33.20 -15.27
N LYS B 334 -7.68 -33.38 -15.34
CA LYS B 334 -8.45 -32.93 -16.49
C LYS B 334 -8.73 -31.43 -16.39
N SER B 335 -9.13 -31.01 -15.20
CA SER B 335 -9.56 -29.64 -14.97
C SER B 335 -9.37 -29.22 -13.52
N VAL B 336 -9.12 -27.92 -13.31
CA VAL B 336 -9.31 -27.30 -11.98
C VAL B 336 -10.24 -26.11 -12.09
N ALA B 337 -10.89 -25.77 -10.99
CA ALA B 337 -11.85 -24.66 -10.94
C ALA B 337 -11.88 -24.07 -9.55
N PHE B 338 -12.39 -22.85 -9.43
CA PHE B 338 -12.34 -22.15 -8.15
C PHE B 338 -13.58 -21.29 -7.92
N LYS B 339 -13.96 -21.14 -6.65
CA LYS B 339 -15.00 -20.18 -6.22
C LYS B 339 -14.51 -19.26 -5.10
N ASP B 340 -15.03 -18.04 -5.10
CA ASP B 340 -14.64 -17.04 -4.09
C ASP B 340 -15.79 -16.63 -3.13
N THR B 341 -15.44 -15.97 -2.03
CA THR B 341 -16.44 -15.69 -1.00
C THR B 341 -17.48 -14.64 -1.41
N SER B 342 -17.32 -14.04 -2.58
CA SER B 342 -18.27 -13.03 -3.07
C SER B 342 -19.17 -13.59 -4.16
N GLY B 343 -19.09 -14.91 -4.38
CA GLY B 343 -19.89 -15.59 -5.40
C GLY B 343 -19.24 -15.73 -6.77
N LEU B 344 -18.01 -15.21 -6.95
CA LEU B 344 -17.29 -15.33 -8.23
C LEU B 344 -16.81 -16.78 -8.50
N ASP B 345 -17.40 -17.37 -9.54
CA ASP B 345 -17.15 -18.75 -9.93
C ASP B 345 -16.31 -18.76 -11.20
N SER B 346 -15.19 -19.50 -11.19
CA SER B 346 -14.33 -19.51 -12.37
C SER B 346 -14.92 -20.43 -13.41
N ALA B 347 -14.45 -20.28 -14.65
CA ALA B 347 -14.72 -21.28 -15.67
C ALA B 347 -14.08 -22.58 -15.20
N THR B 348 -14.24 -23.65 -16.01
CA THR B 348 -13.52 -24.88 -15.76
C THR B 348 -12.31 -24.84 -16.71
N PHE B 349 -11.14 -25.12 -16.15
CA PHE B 349 -9.93 -25.09 -16.96
C PHE B 349 -9.49 -26.52 -17.37
N GLY B 350 -10.17 -26.98 -18.46
CA GLY B 350 -9.95 -28.22 -19.19
C GLY B 350 -10.45 -29.51 -18.59
N GLY B 351 -11.06 -30.23 -19.43
CA GLY B 351 -11.68 -31.42 -19.11
C GLY B 351 -12.61 -31.24 -20.24
N VAL B 352 -11.98 -30.93 -21.35
CA VAL B 352 -12.74 -30.66 -22.59
C VAL B 352 -12.96 -31.90 -23.41
N ASN B 353 -12.53 -33.00 -22.91
CA ASN B 353 -12.75 -34.32 -23.52
C ASN B 353 -14.03 -34.95 -22.90
N PRO B 354 -15.18 -35.14 -23.57
CA PRO B 354 -16.34 -35.78 -22.96
C PRO B 354 -15.77 -36.91 -22.31
N LYS B 355 -14.90 -37.48 -23.07
CA LYS B 355 -14.26 -38.56 -22.55
C LYS B 355 -13.03 -38.12 -21.95
N ASP B 356 -13.24 -38.33 -20.74
CA ASP B 356 -12.27 -38.15 -19.81
C ASP B 356 -12.52 -36.96 -18.93
N THR B 357 -12.66 -37.24 -17.64
CA THR B 357 -12.81 -36.18 -16.68
C THR B 357 -12.48 -36.53 -15.25
N GLY B 358 -11.92 -37.72 -15.02
CA GLY B 358 -11.57 -38.13 -13.67
C GLY B 358 -12.73 -38.04 -12.69
N GLU B 359 -12.41 -38.00 -11.40
CA GLU B 359 -13.44 -37.92 -10.33
C GLU B 359 -13.44 -36.54 -9.65
N LYS B 360 -14.65 -35.99 -9.37
CA LYS B 360 -14.85 -34.69 -8.70
C LYS B 360 -14.40 -34.73 -7.24
N ASN B 361 -13.69 -33.64 -6.87
CA ASN B 361 -13.03 -33.40 -5.58
C ASN B 361 -13.25 -31.94 -5.11
N THR B 362 -13.99 -31.65 -4.02
CA THR B 362 -14.22 -30.25 -3.57
C THR B 362 -13.34 -29.88 -2.36
N VAL B 363 -12.60 -28.78 -2.48
CA VAL B 363 -11.72 -28.30 -1.41
C VAL B 363 -12.22 -26.97 -0.85
N SER B 364 -12.39 -26.93 0.47
CA SER B 364 -12.88 -25.74 1.17
C SER B 364 -11.82 -25.09 2.05
N ILE B 365 -11.80 -23.77 2.00
CA ILE B 365 -10.88 -23.00 2.79
C ILE B 365 -11.76 -22.04 3.60
N ASN B 366 -11.51 -21.96 4.91
CA ASN B 366 -12.27 -21.07 5.78
C ASN B 366 -11.76 -19.63 5.63
N TRP B 367 -11.94 -19.06 4.44
CA TRP B 367 -11.50 -17.68 4.22
C TRP B 367 -12.44 -16.77 4.99
N PRO B 368 -11.91 -15.80 5.74
CA PRO B 368 -10.51 -15.37 5.70
C PRO B 368 -9.55 -15.93 6.76
N SER B 369 -10.07 -16.68 7.73
CA SER B 369 -9.24 -17.14 8.84
C SER B 369 -8.27 -18.24 8.39
N GLU B 370 -8.70 -19.00 7.38
CA GLU B 370 -7.83 -19.90 6.61
C GLU B 370 -7.69 -19.34 5.18
N TYR B 371 -6.51 -19.52 4.58
CA TYR B 371 -6.18 -18.96 3.25
C TYR B 371 -5.02 -19.69 2.56
N LEU B 372 -5.13 -19.79 1.22
CA LEU B 372 -4.15 -20.50 0.35
C LEU B 372 -2.70 -19.97 0.34
N THR B 373 -1.74 -20.91 0.35
CA THR B 373 -0.33 -20.58 0.60
C THR B 373 0.61 -20.79 -0.59
N SER B 374 0.50 -21.94 -1.24
CA SER B 374 1.39 -22.26 -2.34
C SER B 374 0.82 -23.46 -3.04
N ILE B 375 1.59 -24.01 -3.98
CA ILE B 375 1.27 -25.25 -4.65
C ILE B 375 2.56 -26.03 -4.88
N SER B 376 2.35 -27.31 -5.20
CA SER B 376 3.39 -28.20 -5.73
C SER B 376 2.75 -29.39 -6.43
N GLY B 377 3.48 -29.92 -7.40
CA GLY B 377 3.02 -31.08 -8.16
C GLY B 377 4.08 -31.68 -9.04
N THR B 378 3.63 -32.36 -10.07
CA THR B 378 4.50 -33.11 -10.95
C THR B 378 4.10 -32.83 -12.40
N TYR B 379 5.01 -33.07 -13.34
CA TYR B 379 4.63 -33.07 -14.76
C TYR B 379 5.41 -34.06 -15.67
N GLY B 380 4.40 -34.60 -15.79
CA GLY B 380 5.16 -35.48 -16.66
C GLY B 380 4.35 -35.94 -17.85
N GLN B 381 4.67 -37.13 -18.35
CA GLN B 381 3.98 -37.68 -19.50
C GLN B 381 2.74 -38.48 -19.12
N TYR B 382 1.61 -38.12 -19.72
CA TYR B 382 0.35 -38.80 -19.49
C TYR B 382 -0.20 -39.20 -20.85
N LYS B 383 -0.60 -40.46 -20.98
CA LYS B 383 -1.12 -40.95 -22.25
C LYS B 383 -2.53 -41.53 -22.18
N PHE B 384 -3.38 -41.07 -23.08
CA PHE B 384 -4.76 -41.53 -23.20
C PHE B 384 -4.87 -42.08 -24.61
N LYS B 385 -4.90 -41.17 -25.59
CA LYS B 385 -4.96 -41.54 -26.99
C LYS B 385 -3.61 -41.16 -27.57
N ASP B 386 -3.09 -40.03 -27.10
CA ASP B 386 -1.79 -39.52 -27.54
C ASP B 386 -0.94 -39.28 -26.29
N VAL B 387 0.16 -38.55 -26.45
CA VAL B 387 1.05 -38.26 -25.34
C VAL B 387 0.95 -36.80 -24.94
N PHE B 388 0.74 -36.54 -23.65
CA PHE B 388 0.63 -35.18 -23.15
C PHE B 388 1.63 -34.91 -22.04
N THR B 389 2.55 -33.73 -22.16
CA THR B 389 3.17 -32.97 -21.07
C THR B 389 2.10 -32.13 -20.38
N THR B 390 1.51 -32.69 -19.34
CA THR B 390 0.59 -31.95 -18.49
C THR B 390 1.09 -32.04 -17.06
N ILE B 391 0.44 -31.29 -16.17
CA ILE B 391 0.60 -31.46 -14.74
C ILE B 391 0.09 -32.85 -14.35
N THR B 392 0.94 -33.68 -13.74
CA THR B 392 0.53 -35.08 -13.44
C THR B 392 -0.27 -35.21 -12.14
N SER B 393 0.32 -34.82 -11.00
CA SER B 393 -0.49 -34.61 -9.77
C SER B 393 -0.35 -33.16 -9.22
N LEU B 394 -0.99 -32.87 -8.08
CA LEU B 394 -1.12 -31.50 -7.58
C LEU B 394 -1.52 -31.40 -6.10
N SER B 395 -0.90 -30.48 -5.37
CA SER B 395 -1.32 -30.20 -3.99
C SER B 395 -1.40 -28.71 -3.65
N PHE B 396 -2.33 -28.38 -2.76
CA PHE B 396 -2.61 -27.01 -2.34
C PHE B 396 -2.37 -26.85 -0.84
N THR B 397 -1.40 -25.99 -0.48
CA THR B 397 -1.18 -25.64 0.93
C THR B 397 -1.92 -24.35 1.30
N THR B 398 -2.48 -24.34 2.51
CA THR B 398 -2.91 -23.10 3.16
C THR B 398 -2.03 -22.79 4.39
N ASN B 399 -2.45 -21.81 5.20
CA ASN B 399 -1.78 -21.46 6.44
C ASN B 399 -2.12 -22.46 7.55
N LEU B 400 -3.13 -23.28 7.33
CA LEU B 400 -3.53 -24.26 8.33
C LEU B 400 -3.30 -25.71 7.88
N ALA B 401 -3.42 -25.97 6.59
CA ALA B 401 -3.31 -27.34 6.09
C ALA B 401 -2.96 -27.43 4.61
N THR B 402 -2.65 -28.66 4.17
CA THR B 402 -2.39 -29.02 2.78
C THR B 402 -3.58 -29.84 2.30
N TYR B 403 -3.86 -29.82 1.00
CA TYR B 403 -4.95 -30.60 0.45
C TYR B 403 -4.50 -31.35 -0.79
N GLY B 404 -4.61 -32.68 -0.76
CA GLY B 404 -4.15 -33.52 -1.85
C GLY B 404 -3.23 -34.64 -1.38
N PRO B 405 -2.42 -35.21 -2.29
CA PRO B 405 -2.43 -34.82 -3.71
C PRO B 405 -3.67 -35.29 -4.50
N PHE B 406 -3.66 -35.07 -5.79
CA PHE B 406 -4.79 -35.48 -6.58
C PHE B 406 -4.35 -36.03 -7.86
N GLY B 407 -4.67 -37.26 -7.97
CA GLY B 407 -4.25 -38.01 -9.07
C GLY B 407 -3.04 -38.75 -8.57
N LYS B 408 -1.96 -38.61 -9.29
CA LYS B 408 -0.79 -39.36 -8.89
C LYS B 408 0.53 -38.64 -9.19
N ALA B 409 1.43 -38.64 -8.22
CA ALA B 409 2.72 -38.00 -8.37
C ALA B 409 3.53 -38.65 -9.50
N SER B 410 4.26 -37.82 -10.24
CA SER B 410 5.07 -38.31 -11.34
C SER B 410 6.56 -38.15 -11.05
N ALA B 411 7.37 -38.11 -12.11
CA ALA B 411 8.80 -37.96 -11.97
C ALA B 411 9.19 -36.56 -11.51
N THR B 412 8.97 -35.58 -12.37
CA THR B 412 9.31 -34.19 -12.06
C THR B 412 8.31 -33.59 -11.09
N SER B 413 8.81 -33.04 -9.99
CA SER B 413 7.96 -32.42 -8.98
C SER B 413 8.39 -30.98 -8.73
N PHE B 414 7.88 -30.00 -9.09
CA PHE B 414 8.01 -28.57 -8.76
C PHE B 414 7.41 -28.25 -7.40
N SER B 415 8.01 -27.27 -6.70
CA SER B 415 7.45 -26.62 -5.49
C SER B 415 8.00 -25.19 -5.34
N ILE B 416 7.39 -24.44 -4.40
CA ILE B 416 7.74 -23.04 -4.12
C ILE B 416 8.07 -22.89 -2.65
N PRO B 417 9.32 -22.63 -2.33
CA PRO B 417 9.74 -22.34 -0.97
C PRO B 417 9.47 -20.89 -0.59
N ILE B 418 8.20 -20.54 -0.40
CA ILE B 418 7.72 -19.18 -0.15
C ILE B 418 7.06 -19.05 1.22
N HIS B 419 7.22 -17.89 1.87
CA HIS B 419 6.61 -17.60 3.18
C HIS B 419 6.15 -16.17 3.23
N ASN B 420 5.34 -15.88 4.27
CA ASN B 420 4.74 -14.56 4.53
C ASN B 420 3.94 -14.07 3.31
N ASN B 421 3.27 -14.99 2.63
CA ASN B 421 2.43 -14.64 1.47
C ASN B 421 1.02 -15.26 1.52
N MET B 422 0.09 -14.68 0.77
CA MET B 422 -1.15 -15.39 0.51
C MET B 422 -1.38 -15.49 -1.00
N VAL B 423 -1.92 -16.61 -1.44
CA VAL B 423 -2.28 -16.80 -2.84
C VAL B 423 -3.64 -16.13 -3.12
N VAL B 424 -3.67 -15.28 -4.12
CA VAL B 424 -4.88 -14.56 -4.45
C VAL B 424 -5.46 -15.03 -5.78
N GLY B 425 -4.89 -16.06 -6.37
CA GLY B 425 -5.32 -16.47 -7.69
C GLY B 425 -4.36 -17.39 -8.38
N PHE B 426 -4.81 -17.94 -9.51
CA PHE B 426 -4.04 -18.91 -10.30
C PHE B 426 -4.04 -18.53 -11.75
N HIS B 427 -3.10 -19.10 -12.48
CA HIS B 427 -2.98 -18.89 -13.92
C HIS B 427 -2.25 -20.10 -14.48
N GLY B 428 -2.32 -20.30 -15.80
CA GLY B 428 -1.70 -21.47 -16.43
C GLY B 428 -2.23 -21.73 -17.82
N ARG B 429 -2.23 -22.99 -18.22
CA ARG B 429 -2.72 -23.38 -19.53
C ARG B 429 -3.58 -24.64 -19.44
N ALA B 430 -4.69 -24.68 -20.18
CA ALA B 430 -5.52 -25.90 -20.17
C ALA B 430 -6.21 -26.24 -21.50
N GLY B 431 -6.36 -27.55 -21.74
CA GLY B 431 -7.08 -28.10 -22.90
C GLY B 431 -8.01 -29.24 -22.50
N ASP B 432 -7.59 -30.49 -22.74
CA ASP B 432 -8.34 -31.64 -22.22
C ASP B 432 -7.81 -31.86 -20.82
N TYR B 433 -6.61 -31.35 -20.59
CA TYR B 433 -5.96 -31.48 -19.31
C TYR B 433 -5.40 -30.12 -18.83
N LEU B 434 -5.04 -30.07 -17.56
CA LEU B 434 -4.28 -28.96 -16.99
C LEU B 434 -2.81 -29.11 -17.40
N ASP B 435 -2.44 -28.43 -18.47
CA ASP B 435 -1.07 -28.48 -18.98
C ASP B 435 -0.10 -27.84 -18.01
N ALA B 436 -0.47 -26.65 -17.54
CA ALA B 436 0.39 -25.83 -16.71
C ALA B 436 -0.40 -25.05 -15.67
N ILE B 437 0.21 -24.85 -14.50
CA ILE B 437 -0.41 -24.02 -13.45
C ILE B 437 0.61 -23.21 -12.65
N GLY B 438 0.23 -22.00 -12.26
CA GLY B 438 1.08 -21.10 -11.49
C GLY B 438 0.17 -20.28 -10.60
N ILE B 439 0.74 -19.43 -9.75
CA ILE B 439 -0.06 -18.72 -8.76
C ILE B 439 0.18 -17.22 -8.83
N PHE B 440 -0.72 -16.48 -8.18
CA PHE B 440 -0.64 -15.04 -7.97
C PHE B 440 -0.59 -14.88 -6.46
N VAL B 441 0.41 -14.16 -5.94
CA VAL B 441 0.57 -14.01 -4.50
C VAL B 441 0.70 -12.56 -4.15
N LYS B 442 0.52 -12.29 -2.85
CA LYS B 442 0.61 -10.97 -2.20
C LYS B 442 1.16 -11.30 -0.83
N PRO B 443 1.63 -10.29 -0.09
CA PRO B 443 2.12 -10.53 1.27
C PRO B 443 1.03 -10.92 2.28
N ASP B 444 1.41 -11.74 3.26
CA ASP B 444 0.78 -11.89 4.59
C ASP B 444 0.87 -13.29 5.24
#